data_6EKK
#
_entry.id   6EKK
#
_cell.length_a   55.700
_cell.length_b   67.990
_cell.length_c   101.710
_cell.angle_alpha   80.500
_cell.angle_beta   76.800
_cell.angle_gamma   67.060
#
_symmetry.space_group_name_H-M   'P 1'
#
loop_
_entity.id
_entity.type
_entity.pdbx_description
1 polymer 'DENN domain-containing protein 1A'
2 polymer 'Ras-related protein Rab-35'
3 non-polymer 'SULFATE ION'
4 non-polymer 1,2-ETHANEDIOL
5 non-polymer "GUANOSINE-5'-DIPHOSPHATE"
6 water water
#
loop_
_entity_poly.entity_id
_entity_poly.type
_entity_poly.pdbx_seq_one_letter_code
_entity_poly.pdbx_strand_id
1 'polypeptide(L)'
;GSRIKQNPETTFEVYVEVAYPRTGGTLSDPEVQRQFPEDYSDQEVLQTLTKFCFPFYVDSLTVSQVGQNFTFVLTDIDSK
QRFGFCRLSSGAKSCFCILSYLPWFEVFYKLLNILADYTTKRQENQWNELLETLHKLPIPDPGVSVHLSVHSYFTVPDTR
ELPSIPENRNLTEYFVAVDVNNMLHLYASMLYERRILIICSKLSTLTACIHGSAAMLYPMYWQHVYIPVLPPHLLDYCCA
PMPYLIGIHLSLMEKVRNMALDDVVILNVDTNTLETPFDDLQSLPNDVISSLKNRLKKVSTTTGDGVARAFLKAQAAFFG
SYRNALKIEPEEPITFCEEAFVSHYRSGAMRQFLQNATQLQLFKQFIDGRLDLLNSGEGFSDVFEEEINMGEY
;
A,B
2 'polypeptide(L)'
;RDYDHLFKLLIIGDSGVGKSSLLLRFADNTFSGSYITTIGVDFKIRTVEINGEKVKLQIWDTAGQERFRTITSTYYRGTH
GVIVVYDVTSAESFVNVKRWLHEINQNCDDVCRILVGNKNDDPERKVVETEDAYKFAGQMGIQLFETSAKENVNVEEMFN
CITELVLRAKKDNLAK
;
C,D
#
loop_
_chem_comp.id
_chem_comp.type
_chem_comp.name
_chem_comp.formula
EDO non-polymer 1,2-ETHANEDIOL 'C2 H6 O2'
GDP RNA linking GUANOSINE-5'-DIPHOSPHATE 'C10 H15 N5 O11 P2'
SO4 non-polymer 'SULFATE ION' 'O4 S -2'
#
# COMPACT_ATOMS: atom_id res chain seq x y z
N GLY A 1 -32.90 23.56 -9.76
CA GLY A 1 -31.93 22.94 -8.88
C GLY A 1 -30.95 23.95 -8.31
N SER A 2 -31.11 25.21 -8.72
CA SER A 2 -30.30 26.29 -8.18
C SER A 2 -30.60 26.47 -6.70
N ARG A 3 -29.58 26.86 -5.94
CA ARG A 3 -29.81 27.16 -4.53
C ARG A 3 -29.83 28.67 -4.29
N ILE A 4 -29.96 29.44 -5.37
CA ILE A 4 -30.19 30.87 -5.26
C ILE A 4 -31.66 31.14 -4.94
N LYS A 5 -31.93 31.98 -3.95
CA LYS A 5 -33.31 32.37 -3.65
C LYS A 5 -33.87 33.13 -4.86
N GLN A 6 -35.01 32.69 -5.38
CA GLN A 6 -35.53 33.26 -6.62
C GLN A 6 -36.35 34.53 -6.39
N ASN A 7 -36.97 34.64 -5.22
CA ASN A 7 -37.80 35.80 -4.90
C ASN A 7 -37.43 36.46 -3.59
N PRO A 8 -36.23 37.06 -3.51
CA PRO A 8 -35.85 37.70 -2.25
C PRO A 8 -36.74 38.88 -1.95
N GLU A 9 -37.03 39.14 -0.68
CA GLU A 9 -37.92 40.23 -0.32
C GLU A 9 -37.22 41.59 -0.35
N THR A 10 -35.95 41.61 0.00
CA THR A 10 -35.18 42.85 0.03
C THR A 10 -33.84 42.67 -0.67
N THR A 11 -33.21 43.78 -1.03
CA THR A 11 -31.91 43.76 -1.71
C THR A 11 -30.82 43.19 -0.80
N PHE A 12 -30.98 43.35 0.50
CA PHE A 12 -30.07 42.75 1.46
C PHE A 12 -30.75 42.57 2.81
N GLU A 13 -30.19 41.67 3.63
CA GLU A 13 -30.75 41.36 4.93
C GLU A 13 -30.19 42.29 5.99
N VAL A 14 -28.87 42.41 6.05
CA VAL A 14 -28.26 43.25 7.07
C VAL A 14 -26.86 43.64 6.64
N TYR A 15 -26.44 44.84 7.04
CA TYR A 15 -25.10 45.32 6.81
C TYR A 15 -24.41 45.49 8.16
N VAL A 16 -23.17 45.07 8.27
CA VAL A 16 -22.46 45.22 9.54
C VAL A 16 -21.05 45.74 9.34
N GLU A 17 -20.60 46.53 10.31
CA GLU A 17 -19.19 46.84 10.46
C GLU A 17 -18.69 46.10 11.70
N VAL A 18 -17.68 45.25 11.52
CA VAL A 18 -17.18 44.40 12.59
C VAL A 18 -15.73 44.72 12.90
N ALA A 19 -15.38 44.90 14.16
CA ALA A 19 -13.99 45.18 14.53
C ALA A 19 -13.53 44.37 15.75
N TYR A 20 -12.23 44.40 16.02
CA TYR A 20 -11.64 43.69 17.14
C TYR A 20 -11.60 44.53 18.43
N ASP A 29 -12.49 38.27 20.71
CA ASP A 29 -13.69 37.99 19.93
C ASP A 29 -14.22 39.24 19.24
N PRO A 30 -14.33 39.21 17.90
CA PRO A 30 -14.80 40.38 17.14
C PRO A 30 -16.24 40.77 17.47
N GLU A 31 -16.51 42.07 17.41
CA GLU A 31 -17.84 42.59 17.73
C GLU A 31 -18.41 43.47 16.62
N VAL A 32 -19.73 43.45 16.47
CA VAL A 32 -20.43 44.35 15.58
C VAL A 32 -20.36 45.77 16.13
N GLN A 33 -19.74 46.67 15.36
CA GLN A 33 -19.61 48.06 15.79
C GLN A 33 -20.80 48.90 15.33
N ARG A 34 -21.40 48.48 14.22
CA ARG A 34 -22.41 49.27 13.55
C ARG A 34 -23.24 48.32 12.69
N GLN A 35 -24.53 48.59 12.57
CA GLN A 35 -25.37 47.74 11.73
C GLN A 35 -26.47 48.51 11.04
N PHE A 36 -26.95 47.96 9.93
CA PHE A 36 -28.14 48.49 9.25
C PHE A 36 -28.93 47.32 8.67
N PRO A 37 -30.26 47.29 8.89
CA PRO A 37 -31.08 48.23 9.68
C PRO A 37 -30.69 48.31 11.15
N GLU A 38 -30.88 49.49 11.72
CA GLU A 38 -30.52 49.75 13.11
C GLU A 38 -31.26 48.79 14.03
N ASP A 39 -32.50 48.47 13.65
CA ASP A 39 -33.35 47.61 14.47
C ASP A 39 -33.28 46.13 14.12
N TYR A 40 -32.30 45.73 13.31
CA TYR A 40 -32.14 44.31 12.95
C TYR A 40 -31.92 43.52 14.23
N SER A 41 -32.74 42.51 14.48
CA SER A 41 -32.75 41.87 15.81
C SER A 41 -32.30 40.41 15.88
N ASP A 42 -31.83 39.83 14.78
CA ASP A 42 -31.39 38.44 14.84
C ASP A 42 -29.97 38.35 15.37
N GLN A 43 -29.84 38.20 16.69
CA GLN A 43 -28.55 38.18 17.37
C GLN A 43 -27.75 36.95 17.03
N GLU A 44 -28.44 35.87 16.66
CA GLU A 44 -27.76 34.67 16.20
C GLU A 44 -27.04 34.95 14.88
N VAL A 45 -27.71 35.65 13.97
CA VAL A 45 -27.09 35.97 12.68
C VAL A 45 -25.94 36.95 12.91
N LEU A 46 -26.17 38.00 13.69
CA LEU A 46 -25.11 38.95 14.00
C LEU A 46 -23.87 38.26 14.56
N GLN A 47 -24.08 37.34 15.50
CA GLN A 47 -22.96 36.63 16.11
C GLN A 47 -22.20 35.78 15.06
N THR A 48 -22.95 35.07 14.25
N THR A 48 -22.96 35.07 14.23
CA THR A 48 -22.40 34.28 13.17
CA THR A 48 -22.40 34.27 13.15
C THR A 48 -21.54 35.15 12.23
C THR A 48 -21.55 35.14 12.21
N LEU A 49 -22.04 36.34 11.92
CA LEU A 49 -21.32 37.23 11.01
C LEU A 49 -19.97 37.62 11.57
N THR A 50 -19.88 37.80 12.90
CA THR A 50 -18.62 38.20 13.50
C THR A 50 -17.53 37.17 13.28
N LYS A 51 -17.92 35.90 13.19
CA LYS A 51 -16.93 34.83 13.00
C LYS A 51 -16.60 34.60 11.53
N PHE A 52 -17.60 34.67 10.67
CA PHE A 52 -17.37 34.47 9.23
C PHE A 52 -16.68 35.68 8.60
N CYS A 53 -16.73 36.81 9.28
CA CYS A 53 -16.03 38.00 8.79
C CYS A 53 -14.54 37.91 9.02
N PHE A 54 -14.12 37.03 9.93
CA PHE A 54 -12.69 36.84 10.21
C PHE A 54 -12.31 35.36 10.24
N PRO A 55 -12.46 34.69 9.09
CA PRO A 55 -12.42 33.22 9.04
C PRO A 55 -11.01 32.64 8.95
N PHE A 56 -10.17 33.00 9.91
CA PHE A 56 -8.78 32.57 9.91
C PHE A 56 -8.17 32.75 11.30
N TYR A 57 -7.01 32.14 11.52
CA TYR A 57 -6.23 32.36 12.73
C TYR A 57 -5.35 33.57 12.55
N VAL A 58 -5.44 34.51 13.49
CA VAL A 58 -4.64 35.73 13.46
C VAL A 58 -3.17 35.43 13.75
N ASP A 59 -2.28 36.02 12.94
CA ASP A 59 -0.84 35.85 13.07
C ASP A 59 -0.43 34.38 12.99
N VAL A 66 -5.88 36.58 3.70
CA VAL A 66 -5.45 37.96 3.42
C VAL A 66 -6.35 38.59 2.35
N GLY A 67 -5.96 39.75 1.85
CA GLY A 67 -6.72 40.40 0.81
C GLY A 67 -7.79 41.31 1.39
N GLN A 68 -8.54 41.95 0.51
CA GLN A 68 -9.57 42.86 0.94
C GLN A 68 -10.96 42.25 0.83
N ASN A 69 -11.34 41.81 -0.37
CA ASN A 69 -12.69 41.30 -0.58
C ASN A 69 -12.77 39.79 -0.46
N PHE A 70 -13.93 39.28 -0.08
CA PHE A 70 -14.24 37.86 -0.19
C PHE A 70 -15.71 37.72 0.14
N THR A 71 -16.27 36.57 -0.21
CA THR A 71 -17.70 36.36 -0.03
C THR A 71 -17.96 35.01 0.60
N PHE A 72 -18.44 34.99 1.84
CA PHE A 72 -18.80 33.72 2.44
C PHE A 72 -20.25 33.44 2.13
N VAL A 73 -20.67 32.21 2.40
CA VAL A 73 -22.06 31.84 2.22
C VAL A 73 -22.61 31.16 3.45
N LEU A 74 -23.76 31.66 3.89
CA LEU A 74 -24.55 31.00 4.93
C LEU A 74 -25.68 30.29 4.22
N THR A 75 -25.97 29.07 4.67
CA THR A 75 -27.00 28.25 4.05
C THR A 75 -28.23 28.24 4.94
N ASP A 76 -29.42 28.46 4.38
CA ASP A 76 -30.56 28.44 5.30
C ASP A 76 -31.30 27.09 5.28
N ILE A 77 -32.45 27.04 5.94
CA ILE A 77 -33.11 25.76 6.23
C ILE A 77 -33.60 25.04 4.97
N ASP A 78 -33.75 25.81 3.90
N ASP A 78 -33.78 25.74 3.86
CA ASP A 78 -34.17 25.34 2.57
CA ASP A 78 -34.16 25.01 2.65
C ASP A 78 -32.97 24.92 1.74
C ASP A 78 -32.96 24.95 1.70
N SER A 79 -31.79 25.19 2.27
CA SER A 79 -30.49 25.03 1.59
C SER A 79 -30.24 26.15 0.55
N LYS A 80 -31.05 27.21 0.61
CA LYS A 80 -30.81 28.40 -0.21
C LYS A 80 -29.66 29.19 0.39
N GLN A 81 -29.04 30.02 -0.42
CA GLN A 81 -27.78 30.64 -0.04
C GLN A 81 -27.88 32.13 0.25
N ARG A 82 -27.29 32.52 1.37
CA ARG A 82 -27.08 33.93 1.69
C ARG A 82 -25.60 34.26 1.49
N PHE A 83 -25.32 35.29 0.70
CA PHE A 83 -23.96 35.72 0.43
C PHE A 83 -23.51 36.80 1.42
N GLY A 84 -22.39 36.55 2.07
CA GLY A 84 -21.81 37.55 2.93
C GLY A 84 -20.67 38.21 2.19
N PHE A 85 -20.99 39.29 1.48
CA PHE A 85 -19.99 40.06 0.76
C PHE A 85 -19.15 40.84 1.75
N CYS A 86 -17.84 40.59 1.76
CA CYS A 86 -16.97 41.26 2.73
C CYS A 86 -15.92 42.18 2.14
N ARG A 87 -15.56 43.18 2.92
CA ARG A 87 -14.42 44.04 2.64
C ARG A 87 -13.58 44.16 3.91
N LEU A 88 -12.40 43.55 3.89
CA LEU A 88 -11.49 43.56 5.02
C LEU A 88 -10.58 44.79 5.05
N SER A 89 -10.42 45.39 6.23
CA SER A 89 -9.57 46.55 6.40
C SER A 89 -8.11 46.24 6.16
N SER A 90 -7.28 47.29 6.14
CA SER A 90 -5.86 47.21 5.76
C SER A 90 -5.11 46.06 6.42
N GLY A 91 -5.10 46.04 7.75
CA GLY A 91 -4.44 44.99 8.48
C GLY A 91 -5.40 44.06 9.19
N ALA A 92 -6.55 43.80 8.57
CA ALA A 92 -7.55 42.89 9.12
C ALA A 92 -8.07 43.38 10.47
N LYS A 93 -8.10 44.70 10.66
CA LYS A 93 -8.53 45.28 11.92
C LYS A 93 -10.04 45.30 12.02
N SER A 94 -10.70 45.52 10.89
CA SER A 94 -12.15 45.53 10.84
C SER A 94 -12.64 44.95 9.52
N CYS A 95 -13.93 44.64 9.47
CA CYS A 95 -14.54 44.08 8.28
C CYS A 95 -15.91 44.69 8.04
N PHE A 96 -16.18 45.02 6.78
CA PHE A 96 -17.48 45.52 6.39
C PHE A 96 -18.18 44.43 5.61
N CYS A 97 -19.41 44.11 6.01
CA CYS A 97 -20.08 42.96 5.40
C CYS A 97 -21.55 43.26 5.13
N ILE A 98 -21.99 42.86 3.95
CA ILE A 98 -23.39 42.93 3.62
C ILE A 98 -23.88 41.55 3.25
N LEU A 99 -24.94 41.13 3.93
CA LEU A 99 -25.50 39.80 3.78
C LEU A 99 -26.76 39.90 2.91
N SER A 100 -26.75 39.21 1.77
CA SER A 100 -27.83 39.33 0.80
C SER A 100 -28.13 38.03 0.08
N TYR A 101 -29.38 37.83 -0.33
CA TYR A 101 -29.70 36.69 -1.18
C TYR A 101 -29.30 36.93 -2.63
N LEU A 102 -28.99 38.18 -3.00
CA LEU A 102 -28.63 38.48 -4.39
C LEU A 102 -27.14 38.24 -4.65
N PRO A 103 -26.82 37.36 -5.62
CA PRO A 103 -25.43 37.00 -5.94
C PRO A 103 -24.71 38.04 -6.79
N TRP A 104 -24.78 39.29 -6.35
CA TRP A 104 -24.26 40.42 -7.12
C TRP A 104 -22.91 40.85 -6.60
N PHE A 105 -21.88 40.07 -6.89
CA PHE A 105 -20.57 40.28 -6.29
C PHE A 105 -20.00 41.65 -6.63
N GLU A 106 -19.98 41.98 -7.91
CA GLU A 106 -19.40 43.24 -8.33
C GLU A 106 -20.17 44.43 -7.74
N VAL A 107 -21.49 44.35 -7.70
CA VAL A 107 -22.28 45.45 -7.15
C VAL A 107 -22.03 45.65 -5.65
N PHE A 108 -22.02 44.56 -4.88
CA PHE A 108 -21.88 44.72 -3.43
C PHE A 108 -20.43 45.06 -3.02
N TYR A 109 -19.44 44.56 -3.75
CA TYR A 109 -18.07 44.96 -3.44
C TYR A 109 -17.90 46.48 -3.60
N LYS A 110 -18.48 47.01 -4.68
CA LYS A 110 -18.47 48.45 -4.94
C LYS A 110 -19.20 49.23 -3.83
N LEU A 111 -20.41 48.78 -3.51
CA LEU A 111 -21.18 49.39 -2.43
C LEU A 111 -20.42 49.41 -1.11
N LEU A 112 -19.69 48.34 -0.83
CA LEU A 112 -18.90 48.26 0.40
C LEU A 112 -17.81 49.32 0.42
N ASN A 113 -17.14 49.51 -0.71
CA ASN A 113 -16.13 50.57 -0.85
C ASN A 113 -16.69 51.96 -0.52
N ILE A 114 -17.86 52.26 -1.08
CA ILE A 114 -18.53 53.53 -0.85
C ILE A 114 -18.93 53.70 0.61
N LEU A 115 -19.49 52.65 1.19
CA LEU A 115 -19.94 52.71 2.58
C LEU A 115 -18.74 52.83 3.52
N ALA A 116 -17.64 52.16 3.16
CA ALA A 116 -16.43 52.21 3.97
C ALA A 116 -15.80 53.60 3.96
N ASP A 117 -15.92 54.31 2.85
CA ASP A 117 -15.32 55.63 2.75
C ASP A 117 -16.21 56.64 3.47
N TYR A 118 -17.52 56.46 3.38
CA TYR A 118 -18.45 57.26 4.16
C TYR A 118 -18.13 57.10 5.65
N THR A 119 -18.03 55.84 6.08
CA THR A 119 -17.65 55.53 7.46
C THR A 119 -16.34 56.20 7.85
N THR A 120 -15.35 56.13 6.97
CA THR A 120 -14.04 56.72 7.25
C THR A 120 -14.15 58.23 7.40
N LYS A 121 -14.79 58.87 6.43
CA LYS A 121 -14.96 60.32 6.43
C LYS A 121 -16.10 60.75 7.35
N ARG A 122 -16.56 59.81 8.18
CA ARG A 122 -17.63 60.04 9.14
C ARG A 122 -18.85 60.72 8.53
N GLN A 123 -19.19 60.36 7.31
CA GLN A 123 -20.37 60.89 6.63
C GLN A 123 -21.59 60.05 6.93
N GLU A 124 -22.21 60.32 8.08
CA GLU A 124 -23.26 59.47 8.62
C GLU A 124 -24.55 59.56 7.81
N ASN A 125 -24.80 60.72 7.22
CA ASN A 125 -26.04 60.95 6.50
C ASN A 125 -26.06 60.29 5.14
N GLN A 126 -24.93 60.34 4.45
CA GLN A 126 -24.80 59.69 3.15
C GLN A 126 -24.82 58.17 3.34
N TRP A 127 -24.16 57.72 4.40
CA TRP A 127 -24.16 56.30 4.81
C TRP A 127 -25.59 55.81 4.97
N ASN A 128 -26.35 56.48 5.83
CA ASN A 128 -27.74 56.14 6.10
C ASN A 128 -28.64 56.22 4.88
N GLU A 129 -28.44 57.25 4.06
CA GLU A 129 -29.29 57.45 2.89
C GLU A 129 -29.09 56.36 1.85
N LEU A 130 -27.83 55.97 1.63
CA LEU A 130 -27.52 54.94 0.64
C LEU A 130 -28.11 53.60 1.04
N LEU A 131 -27.85 53.19 2.28
CA LEU A 131 -28.36 51.94 2.82
C LEU A 131 -29.88 51.91 2.87
N GLU A 132 -30.50 53.01 3.31
N GLU A 132 -30.49 53.01 3.32
CA GLU A 132 -31.95 53.07 3.38
CA GLU A 132 -31.96 53.11 3.39
C GLU A 132 -32.59 53.02 1.99
C GLU A 132 -32.58 53.02 2.00
N THR A 133 -32.02 53.77 1.05
CA THR A 133 -32.52 53.76 -0.32
C THR A 133 -32.37 52.37 -0.93
N LEU A 134 -31.22 51.76 -0.72
CA LEU A 134 -30.97 50.42 -1.25
C LEU A 134 -31.93 49.41 -0.60
N HIS A 135 -32.10 49.50 0.71
CA HIS A 135 -32.93 48.53 1.44
C HIS A 135 -34.41 48.62 1.05
N LYS A 136 -34.84 49.83 0.69
CA LYS A 136 -36.23 50.06 0.31
C LYS A 136 -36.49 49.74 -1.16
N LEU A 137 -35.43 49.64 -1.94
CA LEU A 137 -35.57 49.45 -3.39
C LEU A 137 -36.22 48.12 -3.73
N PRO A 138 -37.37 48.16 -4.43
CA PRO A 138 -37.91 46.91 -4.94
C PRO A 138 -36.93 46.34 -5.96
N ILE A 139 -36.72 45.03 -5.94
CA ILE A 139 -35.65 44.46 -6.76
C ILE A 139 -35.99 44.56 -8.24
N PRO A 140 -35.12 45.25 -8.98
CA PRO A 140 -35.50 45.56 -10.37
C PRO A 140 -35.11 44.44 -11.34
N ASP A 141 -35.66 44.52 -12.55
CA ASP A 141 -35.31 43.59 -13.63
C ASP A 141 -33.91 43.87 -14.16
N PRO A 142 -33.27 42.84 -14.74
CA PRO A 142 -31.94 42.97 -15.33
C PRO A 142 -31.85 44.13 -16.31
N GLY A 143 -30.79 44.93 -16.21
CA GLY A 143 -30.58 46.05 -17.12
C GLY A 143 -31.05 47.38 -16.57
N VAL A 144 -31.96 47.35 -15.61
CA VAL A 144 -32.44 48.60 -15.00
C VAL A 144 -31.28 49.33 -14.34
N SER A 145 -31.28 50.66 -14.44
CA SER A 145 -30.19 51.44 -13.85
C SER A 145 -30.46 51.67 -12.36
N VAL A 146 -29.48 51.38 -11.53
CA VAL A 146 -29.59 51.71 -10.11
C VAL A 146 -28.44 52.64 -9.75
N HIS A 147 -28.78 53.83 -9.27
CA HIS A 147 -27.77 54.84 -8.99
C HIS A 147 -27.12 54.62 -7.64
N LEU A 148 -25.80 54.65 -7.62
CA LEU A 148 -25.03 54.73 -6.38
C LEU A 148 -24.92 56.17 -5.96
N SER A 149 -24.74 57.04 -6.95
CA SER A 149 -24.71 58.47 -6.78
C SER A 149 -25.45 59.10 -7.97
N VAL A 150 -25.39 60.42 -8.10
CA VAL A 150 -26.01 61.07 -9.26
C VAL A 150 -25.27 60.68 -10.53
N HIS A 151 -23.95 60.66 -10.47
CA HIS A 151 -23.14 60.45 -11.67
C HIS A 151 -22.62 59.03 -11.83
N SER A 152 -23.10 58.12 -11.00
CA SER A 152 -22.61 56.75 -11.02
C SER A 152 -23.74 55.74 -10.85
N TYR A 153 -23.79 54.74 -11.73
CA TYR A 153 -24.79 53.70 -11.57
C TYR A 153 -24.30 52.34 -12.06
N PHE A 154 -24.95 51.30 -11.57
CA PHE A 154 -24.75 49.96 -12.08
C PHE A 154 -26.04 49.51 -12.73
N THR A 155 -25.96 48.52 -13.59
CA THR A 155 -27.16 47.99 -14.19
C THR A 155 -27.42 46.64 -13.49
N VAL A 156 -28.68 46.33 -13.24
CA VAL A 156 -29.00 45.08 -12.54
C VAL A 156 -28.47 43.91 -13.37
N PRO A 157 -27.64 43.04 -12.76
CA PRO A 157 -27.05 41.96 -13.56
C PRO A 157 -28.08 40.98 -14.10
N ASP A 158 -27.81 40.42 -15.28
CA ASP A 158 -28.60 39.33 -15.82
C ASP A 158 -27.89 38.03 -15.50
N THR A 159 -28.35 37.34 -14.46
CA THR A 159 -27.65 36.15 -13.95
C THR A 159 -27.82 34.93 -14.87
N ARG A 160 -28.64 35.06 -15.90
CA ARG A 160 -28.84 33.98 -16.86
C ARG A 160 -27.69 33.89 -17.85
N GLU A 161 -26.89 34.94 -17.92
CA GLU A 161 -25.76 34.98 -18.86
C GLU A 161 -24.56 34.24 -18.28
N LEU A 162 -23.71 33.72 -19.16
CA LEU A 162 -22.46 33.09 -18.73
C LEU A 162 -21.50 34.12 -18.17
N PRO A 163 -20.71 33.75 -17.16
CA PRO A 163 -19.72 34.70 -16.64
C PRO A 163 -18.62 34.97 -17.65
N SER A 164 -18.21 36.24 -17.74
N SER A 164 -18.22 36.24 -17.74
CA SER A 164 -17.16 36.64 -18.66
CA SER A 164 -17.17 36.67 -18.65
C SER A 164 -15.94 37.19 -17.92
C SER A 164 -15.94 37.15 -17.89
N ILE A 165 -14.77 36.96 -18.50
CA ILE A 165 -13.51 37.47 -17.98
C ILE A 165 -13.15 38.72 -18.77
N PRO A 166 -12.78 39.81 -18.09
CA PRO A 166 -12.56 39.95 -16.65
C PRO A 166 -13.75 40.52 -15.87
N GLU A 167 -14.93 40.64 -16.49
CA GLU A 167 -16.07 41.27 -15.84
C GLU A 167 -16.45 40.54 -14.55
N ASN A 168 -16.46 39.21 -14.61
CA ASN A 168 -16.84 38.41 -13.46
C ASN A 168 -15.65 38.16 -12.54
N ARG A 169 -15.65 38.77 -11.35
CA ARG A 169 -14.55 38.63 -10.38
C ARG A 169 -14.22 37.19 -9.97
N ASN A 170 -15.24 36.39 -9.71
CA ASN A 170 -15.02 35.02 -9.27
C ASN A 170 -14.31 34.19 -10.33
N LEU A 171 -14.86 34.20 -11.53
CA LEU A 171 -14.26 33.39 -12.59
C LEU A 171 -12.87 33.92 -12.95
N THR A 172 -12.74 35.25 -13.00
CA THR A 172 -11.46 35.85 -13.38
C THR A 172 -10.37 35.46 -12.38
N GLU A 173 -10.68 35.59 -11.09
CA GLU A 173 -9.72 35.24 -10.06
C GLU A 173 -9.43 33.74 -10.01
N TYR A 174 -10.47 32.92 -10.20
CA TYR A 174 -10.30 31.46 -10.31
C TYR A 174 -9.38 31.13 -11.49
N PHE A 175 -9.61 31.74 -12.64
CA PHE A 175 -8.84 31.38 -13.82
C PHE A 175 -7.40 31.85 -13.73
N VAL A 176 -7.19 33.01 -13.12
CA VAL A 176 -5.84 33.51 -12.89
C VAL A 176 -5.07 32.62 -11.92
N ALA A 177 -5.72 32.21 -10.84
CA ALA A 177 -5.04 31.50 -9.76
C ALA A 177 -4.78 30.03 -10.00
N VAL A 178 -5.68 29.36 -10.74
CA VAL A 178 -5.65 27.91 -10.80
C VAL A 178 -5.29 27.44 -12.19
N ASP A 179 -4.28 26.58 -12.28
N ASP A 179 -4.28 26.59 -12.30
CA ASP A 179 -3.79 26.10 -13.56
CA ASP A 179 -3.82 26.17 -13.63
C ASP A 179 -4.84 25.20 -14.23
C ASP A 179 -4.86 25.23 -14.24
N VAL A 180 -4.76 25.05 -15.54
CA VAL A 180 -5.76 24.27 -16.28
C VAL A 180 -5.91 22.84 -15.76
N ASN A 181 -4.80 22.16 -15.49
CA ASN A 181 -4.86 20.79 -14.99
C ASN A 181 -5.64 20.70 -13.70
N ASN A 182 -5.46 21.68 -12.83
CA ASN A 182 -6.18 21.68 -11.55
C ASN A 182 -7.64 22.08 -11.70
N MET A 183 -7.96 22.97 -12.64
CA MET A 183 -9.34 23.23 -13.00
C MET A 183 -10.03 21.95 -13.46
N LEU A 184 -9.31 21.16 -14.26
CA LEU A 184 -9.85 19.90 -14.74
C LEU A 184 -10.03 18.90 -13.61
N HIS A 185 -9.09 18.85 -12.67
CA HIS A 185 -9.23 17.94 -11.54
C HIS A 185 -10.39 18.36 -10.64
N LEU A 186 -10.59 19.67 -10.45
CA LEU A 186 -11.70 20.12 -9.62
C LEU A 186 -13.03 19.71 -10.26
N TYR A 187 -13.14 19.95 -11.56
CA TYR A 187 -14.32 19.62 -12.35
C TYR A 187 -14.62 18.13 -12.31
N ALA A 188 -13.59 17.32 -12.53
CA ALA A 188 -13.75 15.87 -12.47
C ALA A 188 -14.22 15.41 -11.08
N SER A 189 -13.63 15.98 -10.04
CA SER A 189 -14.01 15.61 -8.66
C SER A 189 -15.47 15.96 -8.38
N MET A 190 -15.93 17.08 -8.93
CA MET A 190 -17.34 17.45 -8.73
C MET A 190 -18.26 16.52 -9.46
N LEU A 191 -17.87 16.11 -10.67
CA LEU A 191 -18.69 15.18 -11.41
C LEU A 191 -18.76 13.79 -10.76
N TYR A 192 -17.90 13.52 -9.79
CA TYR A 192 -18.02 12.28 -9.01
C TYR A 192 -18.56 12.56 -7.60
N GLU A 193 -18.92 13.82 -7.37
CA GLU A 193 -19.40 14.29 -6.06
C GLU A 193 -18.50 13.85 -4.91
N ARG A 194 -17.21 14.14 -5.08
CA ARG A 194 -16.21 13.96 -4.06
C ARG A 194 -16.37 14.95 -2.92
N ARG A 195 -15.60 14.72 -1.86
CA ARG A 195 -15.40 15.68 -0.81
C ARG A 195 -14.19 16.52 -1.20
N ILE A 196 -14.41 17.82 -1.37
CA ILE A 196 -13.41 18.69 -1.95
C ILE A 196 -13.05 19.85 -1.05
N LEU A 197 -11.75 19.97 -0.78
CA LEU A 197 -11.24 21.02 0.08
C LEU A 197 -10.28 21.93 -0.69
N ILE A 198 -10.57 23.23 -0.71
CA ILE A 198 -9.68 24.15 -1.37
C ILE A 198 -9.01 25.02 -0.32
N ILE A 199 -7.69 25.15 -0.39
CA ILE A 199 -6.93 25.89 0.60
C ILE A 199 -6.17 27.05 -0.05
N CYS A 200 -6.25 28.23 0.55
CA CYS A 200 -5.56 29.38 0.01
C CYS A 200 -5.27 30.41 1.07
N SER A 201 -4.22 31.20 0.84
CA SER A 201 -3.81 32.21 1.81
C SER A 201 -4.55 33.52 1.62
N LYS A 202 -5.10 33.71 0.42
CA LYS A 202 -5.90 34.90 0.13
C LYS A 202 -7.37 34.51 0.12
N LEU A 203 -8.16 35.16 0.98
CA LEU A 203 -9.58 34.91 1.08
C LEU A 203 -10.32 35.25 -0.22
N SER A 204 -9.95 36.35 -0.87
CA SER A 204 -10.58 36.70 -2.15
C SER A 204 -10.44 35.54 -3.13
N THR A 205 -9.22 35.05 -3.23
CA THR A 205 -8.89 33.97 -4.15
C THR A 205 -9.60 32.68 -3.73
N LEU A 206 -9.55 32.40 -2.44
CA LEU A 206 -10.20 31.23 -1.88
C LEU A 206 -11.68 31.13 -2.27
N THR A 207 -12.47 32.16 -1.99
CA THR A 207 -13.90 32.06 -2.23
C THR A 207 -14.23 32.20 -3.72
N ALA A 208 -13.38 32.92 -4.47
CA ALA A 208 -13.53 32.95 -5.91
C ALA A 208 -13.37 31.56 -6.53
N CYS A 209 -12.41 30.80 -6.02
CA CYS A 209 -12.17 29.46 -6.53
C CYS A 209 -13.35 28.55 -6.24
N ILE A 210 -13.95 28.69 -5.06
CA ILE A 210 -15.10 27.86 -4.72
C ILE A 210 -16.29 28.25 -5.61
N HIS A 211 -16.66 29.52 -5.59
CA HIS A 211 -17.77 30.00 -6.41
C HIS A 211 -17.51 29.74 -7.92
N GLY A 212 -16.33 30.13 -8.38
CA GLY A 212 -16.00 30.02 -9.80
C GLY A 212 -16.01 28.59 -10.30
N SER A 213 -15.37 27.69 -9.55
CA SER A 213 -15.38 26.27 -9.96
C SER A 213 -16.78 25.66 -9.93
N ALA A 214 -17.59 25.93 -8.90
CA ALA A 214 -18.93 25.37 -8.86
C ALA A 214 -19.78 25.88 -10.02
N ALA A 215 -19.55 27.12 -10.44
CA ALA A 215 -20.31 27.70 -11.53
C ALA A 215 -20.08 26.95 -12.85
N MET A 216 -18.95 26.24 -12.95
CA MET A 216 -18.66 25.51 -14.18
C MET A 216 -19.52 24.26 -14.35
N LEU A 217 -20.27 23.89 -13.31
CA LEU A 217 -21.21 22.78 -13.42
C LEU A 217 -22.49 23.14 -14.19
N TYR A 218 -22.69 24.44 -14.43
CA TYR A 218 -23.94 24.90 -15.06
C TYR A 218 -24.26 24.05 -16.29
N PRO A 219 -25.52 23.60 -16.46
CA PRO A 219 -26.79 23.92 -15.79
C PRO A 219 -27.05 23.19 -14.49
N MET A 220 -26.06 22.49 -13.98
CA MET A 220 -26.25 21.81 -12.72
C MET A 220 -25.62 22.63 -11.61
N TYR A 221 -25.95 22.29 -10.37
CA TYR A 221 -25.45 23.04 -9.21
C TYR A 221 -25.01 22.07 -8.15
N TRP A 222 -23.98 22.44 -7.41
CA TRP A 222 -23.55 21.66 -6.26
C TRP A 222 -24.70 21.57 -5.28
N GLN A 223 -25.08 20.36 -4.87
CA GLN A 223 -26.31 20.15 -4.12
C GLN A 223 -26.10 19.82 -2.64
N HIS A 224 -24.86 19.53 -2.25
CA HIS A 224 -24.60 19.12 -0.88
C HIS A 224 -23.83 20.21 -0.13
N VAL A 225 -22.94 19.85 0.78
CA VAL A 225 -22.35 20.89 1.63
C VAL A 225 -21.52 21.88 0.81
N TYR A 226 -21.81 23.17 1.00
CA TYR A 226 -21.20 24.21 0.19
C TYR A 226 -20.79 25.36 1.10
N ILE A 227 -19.49 25.51 1.31
CA ILE A 227 -19.00 26.46 2.30
C ILE A 227 -17.75 27.14 1.74
N PRO A 228 -17.94 28.28 1.04
CA PRO A 228 -16.83 28.94 0.35
C PRO A 228 -15.69 29.29 1.30
N VAL A 229 -16.01 29.62 2.55
CA VAL A 229 -14.96 29.71 3.53
C VAL A 229 -15.49 29.27 4.88
N LEU A 230 -14.72 28.40 5.53
CA LEU A 230 -15.09 27.78 6.81
C LEU A 230 -14.27 28.38 7.95
N PRO A 231 -14.93 29.05 8.91
CA PRO A 231 -14.16 29.65 10.00
C PRO A 231 -13.65 28.56 10.96
N PRO A 232 -12.56 28.84 11.68
CA PRO A 232 -11.92 27.77 12.46
C PRO A 232 -12.84 27.09 13.47
N HIS A 233 -13.84 27.79 14.02
CA HIS A 233 -14.64 27.17 15.08
C HIS A 233 -15.52 26.05 14.49
N LEU A 234 -15.57 25.97 13.16
CA LEU A 234 -16.34 24.93 12.46
C LEU A 234 -15.46 23.95 11.70
N LEU A 235 -14.17 23.93 12.01
CA LEU A 235 -13.21 23.06 11.35
C LEU A 235 -13.60 21.57 11.31
N ASP A 236 -14.30 21.12 12.35
CA ASP A 236 -14.69 19.72 12.44
C ASP A 236 -15.61 19.27 11.32
N TYR A 237 -16.23 20.24 10.65
CA TYR A 237 -17.13 19.91 9.54
C TYR A 237 -16.39 19.40 8.31
N CYS A 238 -15.06 19.48 8.30
CA CYS A 238 -14.30 18.82 7.23
C CYS A 238 -14.36 17.29 7.35
N CYS A 239 -14.83 16.80 8.51
CA CYS A 239 -15.04 15.37 8.70
C CYS A 239 -16.38 14.88 8.15
N ALA A 240 -17.20 15.77 7.62
CA ALA A 240 -18.50 15.40 7.05
C ALA A 240 -18.34 14.29 6.02
N PRO A 241 -19.19 13.25 6.09
CA PRO A 241 -18.97 12.12 5.16
C PRO A 241 -19.70 12.26 3.81
N MET A 242 -20.70 13.12 3.74
CA MET A 242 -21.45 13.37 2.50
C MET A 242 -20.56 14.23 1.58
N PRO A 243 -20.94 14.35 0.31
CA PRO A 243 -20.11 15.19 -0.57
C PRO A 243 -20.02 16.61 -0.03
N TYR A 244 -18.87 17.25 -0.19
CA TYR A 244 -18.80 18.66 0.15
C TYR A 244 -17.83 19.44 -0.70
N LEU A 245 -18.01 20.76 -0.65
CA LEU A 245 -17.15 21.70 -1.34
C LEU A 245 -16.87 22.82 -0.35
N ILE A 246 -15.66 22.82 0.20
CA ILE A 246 -15.33 23.65 1.35
C ILE A 246 -14.02 24.39 1.14
N GLY A 247 -14.01 25.70 1.42
CA GLY A 247 -12.80 26.48 1.37
C GLY A 247 -12.28 26.77 2.78
N ILE A 248 -10.97 26.65 2.96
CA ILE A 248 -10.34 27.08 4.19
C ILE A 248 -9.11 27.92 3.93
N HIS A 249 -8.91 28.92 4.78
CA HIS A 249 -7.73 29.75 4.74
C HIS A 249 -6.50 28.90 5.11
N LEU A 250 -5.34 29.28 4.56
CA LEU A 250 -4.12 28.47 4.73
C LEU A 250 -3.76 28.29 6.21
N SER A 251 -4.11 29.25 7.04
CA SER A 251 -3.76 29.18 8.47
C SER A 251 -4.42 27.99 9.17
N LEU A 252 -5.42 27.39 8.54
CA LEU A 252 -6.15 26.28 9.15
C LEU A 252 -5.64 24.93 8.66
N MET A 253 -4.66 24.94 7.77
CA MET A 253 -4.27 23.70 7.09
C MET A 253 -3.69 22.67 8.04
N GLU A 254 -2.90 23.10 9.00
CA GLU A 254 -2.26 22.17 9.93
C GLU A 254 -3.32 21.46 10.76
N LYS A 255 -4.32 22.22 11.19
CA LYS A 255 -5.46 21.65 11.89
C LYS A 255 -6.14 20.59 11.04
N VAL A 256 -6.27 20.85 9.74
CA VAL A 256 -6.90 19.89 8.83
C VAL A 256 -5.97 18.71 8.55
N ARG A 257 -4.67 18.99 8.42
CA ARG A 257 -3.68 17.95 8.24
C ARG A 257 -3.75 16.95 9.40
N ASN A 258 -4.08 17.47 10.58
CA ASN A 258 -4.26 16.69 11.80
C ASN A 258 -5.40 15.70 11.73
N MET A 259 -6.44 16.04 10.97
CA MET A 259 -7.64 15.23 10.92
C MET A 259 -7.41 13.96 10.12
N ALA A 260 -6.26 13.89 9.46
CA ALA A 260 -5.87 12.74 8.63
C ALA A 260 -7.02 12.28 7.76
N LEU A 261 -7.55 13.21 6.97
CA LEU A 261 -8.79 12.96 6.24
C LEU A 261 -8.58 11.86 5.20
N ASP A 262 -9.49 10.90 5.20
CA ASP A 262 -9.48 9.86 4.17
C ASP A 262 -10.47 10.23 3.09
N ASP A 263 -10.08 9.99 1.84
CA ASP A 263 -10.97 10.18 0.70
C ASP A 263 -11.52 11.60 0.61
N VAL A 264 -10.59 12.56 0.64
CA VAL A 264 -10.87 13.96 0.34
C VAL A 264 -9.92 14.49 -0.74
N VAL A 265 -10.47 15.21 -1.70
CA VAL A 265 -9.68 15.90 -2.71
C VAL A 265 -9.24 17.25 -2.17
N ILE A 266 -7.94 17.49 -2.17
CA ILE A 266 -7.46 18.75 -1.61
C ILE A 266 -6.62 19.54 -2.59
N LEU A 267 -7.02 20.80 -2.84
CA LEU A 267 -6.26 21.69 -3.71
C LEU A 267 -5.63 22.80 -2.88
N ASN A 268 -4.30 22.86 -2.87
CA ASN A 268 -3.60 24.01 -2.35
C ASN A 268 -3.43 25.00 -3.49
N VAL A 269 -4.15 26.11 -3.42
CA VAL A 269 -4.14 27.09 -4.51
C VAL A 269 -2.81 27.85 -4.57
N ASP A 270 -2.24 28.12 -3.41
CA ASP A 270 -0.96 28.83 -3.32
C ASP A 270 0.13 28.15 -4.13
N THR A 271 0.14 26.82 -4.09
CA THR A 271 1.19 26.03 -4.73
C THR A 271 0.70 25.27 -5.95
N ASN A 272 -0.59 25.41 -6.26
CA ASN A 272 -1.23 24.67 -7.34
C ASN A 272 -0.91 23.18 -7.26
N THR A 273 -1.09 22.65 -6.06
CA THR A 273 -0.86 21.26 -5.77
C THR A 273 -2.17 20.59 -5.40
N LEU A 274 -2.53 19.54 -6.13
CA LEU A 274 -3.78 18.84 -5.87
C LEU A 274 -3.55 17.40 -5.48
N GLU A 275 -4.11 17.03 -4.34
CA GLU A 275 -4.06 15.67 -3.83
C GLU A 275 -5.42 15.02 -4.04
N THR A 276 -5.45 13.89 -4.73
CA THR A 276 -6.66 13.09 -4.79
C THR A 276 -6.33 11.59 -4.84
N PRO A 277 -7.05 10.79 -4.05
CA PRO A 277 -6.88 9.34 -4.08
C PRO A 277 -7.64 8.67 -5.22
N PHE A 278 -8.31 9.48 -6.05
CA PHE A 278 -9.17 8.90 -7.09
C PHE A 278 -8.59 9.14 -8.47
N ASP A 279 -9.07 8.37 -9.42
CA ASP A 279 -8.60 8.49 -10.81
C ASP A 279 -9.63 9.21 -11.66
N ASP A 280 -10.41 10.09 -11.04
CA ASP A 280 -11.59 10.68 -11.66
C ASP A 280 -11.34 11.34 -13.01
N LEU A 281 -10.33 12.21 -13.09
CA LEU A 281 -10.09 12.93 -14.33
C LEU A 281 -9.73 11.99 -15.48
N GLN A 282 -8.88 11.02 -15.21
CA GLN A 282 -8.48 10.07 -16.25
C GLN A 282 -9.62 9.13 -16.63
N SER A 283 -10.55 8.92 -15.70
CA SER A 283 -11.66 8.00 -15.96
C SER A 283 -12.72 8.61 -16.85
N LEU A 284 -12.79 9.93 -16.90
CA LEU A 284 -13.76 10.62 -17.75
C LEU A 284 -13.47 10.38 -19.23
N PRO A 285 -14.52 10.38 -20.06
CA PRO A 285 -14.39 10.28 -21.52
C PRO A 285 -13.33 11.24 -22.07
N ASN A 286 -12.28 10.66 -22.65
CA ASN A 286 -11.10 11.43 -23.07
C ASN A 286 -11.34 12.45 -24.17
N ASP A 287 -12.29 12.16 -25.05
CA ASP A 287 -12.57 13.09 -26.14
C ASP A 287 -13.14 14.38 -25.59
N VAL A 288 -14.07 14.26 -24.64
CA VAL A 288 -14.68 15.44 -24.02
C VAL A 288 -13.62 16.26 -23.29
N ILE A 289 -12.80 15.59 -22.49
CA ILE A 289 -11.81 16.28 -21.67
C ILE A 289 -10.71 16.90 -22.54
N SER A 290 -10.29 16.19 -23.60
CA SER A 290 -9.33 16.77 -24.55
C SER A 290 -9.85 18.04 -25.20
N SER A 291 -11.08 17.98 -25.65
CA SER A 291 -11.69 19.12 -26.30
C SER A 291 -11.79 20.31 -25.35
N LEU A 292 -12.16 20.03 -24.10
CA LEU A 292 -12.22 21.03 -23.03
C LEU A 292 -10.85 21.64 -22.73
N LYS A 293 -9.89 20.76 -22.46
CA LYS A 293 -8.51 21.16 -22.18
C LYS A 293 -7.93 22.04 -23.29
N ASN A 294 -8.18 21.67 -24.54
CA ASN A 294 -7.64 22.44 -25.67
C ASN A 294 -8.25 23.83 -25.74
N ARG A 295 -9.54 23.94 -25.46
CA ARG A 295 -10.23 25.23 -25.45
C ARG A 295 -9.64 26.12 -24.35
N LEU A 296 -9.48 25.53 -23.17
CA LEU A 296 -8.90 26.22 -22.03
C LEU A 296 -7.48 26.72 -22.28
N LYS A 297 -6.74 26.07 -23.18
CA LYS A 297 -5.35 26.44 -23.40
C LYS A 297 -5.16 27.56 -24.43
N LYS A 298 -6.19 27.86 -25.20
CA LYS A 298 -6.12 28.93 -26.20
C LYS A 298 -6.53 30.29 -25.63
N VAL A 299 -5.83 31.33 -26.06
CA VAL A 299 -6.17 32.70 -25.65
C VAL A 299 -7.51 33.09 -26.25
N SER A 300 -7.69 32.75 -27.52
CA SER A 300 -8.89 33.11 -28.28
C SER A 300 -10.18 32.52 -27.71
N THR A 301 -10.09 31.31 -27.16
CA THR A 301 -11.27 30.64 -26.63
C THR A 301 -11.34 30.72 -25.11
N THR A 302 -10.57 31.62 -24.52
CA THR A 302 -10.66 31.87 -23.09
C THR A 302 -10.89 33.34 -22.76
N THR A 303 -10.96 34.18 -23.79
CA THR A 303 -11.31 35.58 -23.60
C THR A 303 -12.82 35.72 -23.50
N GLY A 304 -13.30 36.81 -22.89
CA GLY A 304 -14.72 37.03 -22.74
C GLY A 304 -15.39 35.90 -22.00
N ASP A 305 -16.42 35.30 -22.59
CA ASP A 305 -17.05 34.15 -21.93
C ASP A 305 -16.47 32.81 -22.37
N GLY A 306 -15.28 32.83 -22.96
CA GLY A 306 -14.65 31.62 -23.48
C GLY A 306 -14.49 30.46 -22.49
N VAL A 307 -14.01 30.76 -21.29
CA VAL A 307 -13.80 29.71 -20.28
C VAL A 307 -15.11 29.06 -19.90
N ALA A 308 -16.13 29.87 -19.63
CA ALA A 308 -17.42 29.33 -19.25
C ALA A 308 -18.07 28.57 -20.40
N ARG A 309 -17.85 29.05 -21.63
CA ARG A 309 -18.34 28.35 -22.81
C ARG A 309 -17.71 26.98 -22.96
N ALA A 310 -16.42 26.88 -22.67
CA ALA A 310 -15.72 25.60 -22.74
C ALA A 310 -16.33 24.57 -21.79
N PHE A 311 -16.55 24.96 -20.54
CA PHE A 311 -17.13 24.01 -19.59
C PHE A 311 -18.57 23.69 -19.97
N LEU A 312 -19.28 24.69 -20.50
CA LEU A 312 -20.66 24.47 -20.95
C LEU A 312 -20.70 23.42 -22.06
N LYS A 313 -19.76 23.51 -23.00
CA LYS A 313 -19.70 22.52 -24.09
C LYS A 313 -19.36 21.12 -23.57
N ALA A 314 -18.48 21.03 -22.57
CA ALA A 314 -18.21 19.73 -21.93
C ALA A 314 -19.46 19.16 -21.24
N GLN A 315 -20.18 20.01 -20.50
CA GLN A 315 -21.40 19.58 -19.83
C GLN A 315 -22.44 19.12 -20.83
N ALA A 316 -22.54 19.84 -21.96
CA ALA A 316 -23.46 19.44 -23.01
C ALA A 316 -23.07 18.09 -23.62
N ALA A 317 -21.78 17.85 -23.79
CA ALA A 317 -21.27 16.60 -24.37
C ALA A 317 -21.47 15.44 -23.42
N PHE A 318 -21.33 15.71 -22.12
CA PHE A 318 -21.50 14.69 -21.08
C PHE A 318 -22.97 14.31 -20.85
N PHE A 319 -23.84 15.33 -20.81
CA PHE A 319 -25.20 15.13 -20.29
C PHE A 319 -26.28 15.36 -21.32
N GLY A 320 -25.89 15.79 -22.52
CA GLY A 320 -26.86 16.17 -23.53
C GLY A 320 -27.83 15.10 -23.98
N SER A 321 -27.42 13.84 -23.88
CA SER A 321 -28.27 12.73 -24.31
C SER A 321 -29.44 12.48 -23.37
N TYR A 322 -29.58 13.32 -22.34
CA TYR A 322 -30.68 13.15 -21.39
C TYR A 322 -32.01 13.35 -22.11
N ARG A 323 -32.02 14.24 -23.09
CA ARG A 323 -33.20 14.49 -23.92
C ARG A 323 -33.83 13.21 -24.50
N ASN A 324 -32.99 12.26 -24.92
CA ASN A 324 -33.49 11.03 -25.56
C ASN A 324 -33.98 10.00 -24.56
N ALA A 325 -33.99 10.36 -23.28
CA ALA A 325 -34.43 9.41 -22.28
C ALA A 325 -35.74 9.91 -21.64
N LEU A 326 -36.26 11.01 -22.17
CA LEU A 326 -37.52 11.59 -21.71
C LEU A 326 -38.72 10.85 -22.29
N LYS A 327 -39.26 9.91 -21.52
CA LYS A 327 -40.42 9.14 -21.95
C LYS A 327 -41.68 9.99 -21.88
N ILE A 328 -42.20 10.38 -23.04
CA ILE A 328 -43.36 11.25 -23.12
C ILE A 328 -44.60 10.54 -23.66
N GLU A 329 -45.14 9.61 -22.86
CA GLU A 329 -46.36 8.91 -23.23
C GLU A 329 -47.57 9.66 -22.67
N PRO A 330 -48.55 9.98 -23.55
CA PRO A 330 -49.76 10.74 -23.20
C PRO A 330 -50.55 10.13 -22.04
N GLU A 331 -51.56 10.88 -21.60
CA GLU A 331 -52.29 10.68 -20.33
C GLU A 331 -51.44 11.17 -19.17
N GLU A 332 -50.27 11.73 -19.50
CA GLU A 332 -49.35 12.34 -18.55
C GLU A 332 -48.73 11.31 -17.59
N PRO A 333 -47.56 11.63 -17.01
CA PRO A 333 -46.70 12.79 -17.27
C PRO A 333 -45.33 12.40 -17.84
N ILE A 334 -44.54 13.41 -18.22
CA ILE A 334 -43.20 13.17 -18.73
C ILE A 334 -42.28 12.61 -17.63
N THR A 335 -41.67 11.45 -17.89
CA THR A 335 -40.73 10.86 -16.97
C THR A 335 -39.33 10.73 -17.58
N PHE A 336 -38.35 10.44 -16.74
CA PHE A 336 -36.99 10.19 -17.19
C PHE A 336 -36.70 8.70 -17.08
N CYS A 337 -36.33 8.10 -18.19
CA CYS A 337 -36.08 6.65 -18.23
C CYS A 337 -34.60 6.33 -18.11
N GLU A 338 -34.17 5.96 -16.90
CA GLU A 338 -32.75 5.74 -16.63
C GLU A 338 -32.11 4.65 -17.49
N GLU A 339 -32.84 3.56 -17.71
CA GLU A 339 -32.30 2.44 -18.47
C GLU A 339 -32.00 2.88 -19.88
N ALA A 340 -32.86 3.75 -20.41
CA ALA A 340 -32.66 4.35 -21.72
C ALA A 340 -31.42 5.23 -21.71
N PHE A 341 -31.29 6.02 -20.64
CA PHE A 341 -30.16 6.95 -20.49
C PHE A 341 -28.83 6.23 -20.45
N VAL A 342 -28.74 5.14 -19.72
CA VAL A 342 -27.45 4.48 -19.54
C VAL A 342 -27.12 3.48 -20.66
N SER A 343 -28.06 3.19 -21.53
CA SER A 343 -27.85 2.10 -22.50
C SER A 343 -27.62 2.61 -23.92
N HIS A 344 -27.53 3.92 -24.07
CA HIS A 344 -27.16 4.51 -25.34
C HIS A 344 -25.91 5.35 -25.20
N TYR A 345 -24.82 4.94 -25.87
CA TYR A 345 -23.53 5.59 -25.66
C TYR A 345 -22.65 5.43 -26.89
N ARG A 346 -21.69 6.35 -27.05
CA ARG A 346 -20.81 6.33 -28.21
C ARG A 346 -19.40 5.88 -27.84
N SER A 347 -19.23 5.45 -26.60
CA SER A 347 -17.96 4.87 -26.17
C SER A 347 -18.15 4.11 -24.87
N GLY A 348 -17.25 3.17 -24.59
CA GLY A 348 -17.26 2.49 -23.30
C GLY A 348 -17.10 3.47 -22.14
N ALA A 349 -16.31 4.52 -22.34
CA ALA A 349 -16.09 5.51 -21.29
C ALA A 349 -17.39 6.26 -20.95
N MET A 350 -18.19 6.55 -21.96
CA MET A 350 -19.47 7.21 -21.77
C MET A 350 -20.50 6.25 -21.16
N ARG A 351 -20.48 4.98 -21.56
CA ARG A 351 -21.29 4.00 -20.86
C ARG A 351 -21.07 4.10 -19.36
N GLN A 352 -19.82 4.16 -18.93
CA GLN A 352 -19.53 4.21 -17.49
C GLN A 352 -19.92 5.56 -16.89
N PHE A 353 -19.69 6.63 -17.66
CA PHE A 353 -20.04 7.97 -17.21
C PHE A 353 -21.54 8.08 -16.96
N LEU A 354 -22.35 7.65 -17.92
CA LEU A 354 -23.81 7.79 -17.82
C LEU A 354 -24.36 7.03 -16.60
N GLN A 355 -23.80 5.84 -16.35
CA GLN A 355 -24.21 5.04 -15.19
C GLN A 355 -23.82 5.76 -13.91
N ASN A 356 -22.61 6.29 -13.85
CA ASN A 356 -22.22 7.11 -12.72
C ASN A 356 -23.11 8.34 -12.56
N ALA A 357 -23.49 8.98 -13.67
CA ALA A 357 -24.29 10.21 -13.55
C ALA A 357 -25.62 9.95 -12.84
N THR A 358 -26.16 8.74 -12.99
CA THR A 358 -27.45 8.44 -12.37
C THR A 358 -27.35 8.43 -10.84
N GLN A 359 -26.13 8.37 -10.32
CA GLN A 359 -25.90 8.38 -8.87
C GLN A 359 -25.58 9.78 -8.33
N LEU A 360 -25.58 10.80 -9.19
CA LEU A 360 -25.19 12.15 -8.76
C LEU A 360 -26.37 12.99 -8.34
N GLN A 361 -26.29 13.63 -7.18
CA GLN A 361 -27.38 14.51 -6.75
C GLN A 361 -27.49 15.71 -7.67
N LEU A 362 -26.35 16.22 -8.15
CA LEU A 362 -26.39 17.37 -9.03
C LEU A 362 -27.12 17.01 -10.33
N PHE A 363 -27.03 15.76 -10.77
CA PHE A 363 -27.76 15.37 -11.98
C PHE A 363 -29.20 15.08 -11.66
N LYS A 364 -29.46 14.46 -10.50
CA LYS A 364 -30.84 14.20 -10.09
C LYS A 364 -31.62 15.51 -10.02
N GLN A 365 -31.06 16.55 -9.39
CA GLN A 365 -31.80 17.80 -9.25
C GLN A 365 -31.99 18.50 -10.60
N PHE A 366 -31.03 18.33 -11.49
CA PHE A 366 -31.18 18.87 -12.85
C PHE A 366 -32.35 18.19 -13.56
N ILE A 367 -32.39 16.87 -13.51
CA ILE A 367 -33.45 16.12 -14.20
C ILE A 367 -34.82 16.38 -13.60
N ASP A 368 -34.93 16.24 -12.27
CA ASP A 368 -36.23 16.43 -11.64
C ASP A 368 -36.73 17.87 -11.86
N GLY A 369 -35.80 18.81 -12.04
CA GLY A 369 -36.16 20.18 -12.29
C GLY A 369 -36.69 20.32 -13.71
N ARG A 370 -36.01 19.67 -14.65
CA ARG A 370 -36.47 19.64 -16.04
C ARG A 370 -37.85 18.95 -16.11
N LEU A 371 -38.01 17.83 -15.43
CA LEU A 371 -39.26 17.09 -15.48
C LEU A 371 -40.42 17.92 -14.96
N ASP A 372 -40.16 18.68 -13.89
CA ASP A 372 -41.16 19.59 -13.36
C ASP A 372 -41.46 20.69 -14.37
N LEU A 373 -40.40 21.31 -14.87
CA LEU A 373 -40.51 22.42 -15.82
C LEU A 373 -41.16 21.99 -17.14
N LEU A 374 -40.86 20.77 -17.59
CA LEU A 374 -41.48 20.25 -18.81
C LEU A 374 -42.95 19.91 -18.59
N ASN A 375 -43.24 19.15 -17.54
CA ASN A 375 -44.61 18.75 -17.21
C ASN A 375 -45.48 19.93 -16.78
N SER A 376 -44.86 21.09 -16.64
CA SER A 376 -45.61 22.31 -16.30
C SER A 376 -46.18 22.92 -17.58
N GLY A 377 -45.36 22.94 -18.62
CA GLY A 377 -45.75 23.54 -19.88
C GLY A 377 -45.27 24.97 -19.96
N GLU A 378 -44.40 25.34 -19.02
CA GLU A 378 -43.90 26.71 -18.93
C GLU A 378 -43.31 27.21 -20.25
N GLY A 379 -42.29 26.52 -20.76
CA GLY A 379 -41.66 26.94 -21.99
C GLY A 379 -40.49 27.86 -21.67
N PHE A 380 -39.31 27.48 -22.15
CA PHE A 380 -38.08 28.07 -21.66
C PHE A 380 -36.96 28.02 -22.68
N SER A 381 -35.80 28.55 -22.28
CA SER A 381 -34.57 28.42 -23.03
C SER A 381 -33.40 28.68 -22.09
N ASP A 382 -32.23 28.17 -22.45
CA ASP A 382 -30.99 28.62 -21.85
C ASP A 382 -29.84 28.15 -22.72
N VAL A 383 -28.62 28.55 -22.37
CA VAL A 383 -27.47 28.31 -23.23
C VAL A 383 -27.12 26.83 -23.33
N PHE A 384 -27.42 26.07 -22.28
CA PHE A 384 -27.14 24.64 -22.28
C PHE A 384 -27.91 23.96 -23.41
N GLU A 385 -29.22 24.22 -23.46
CA GLU A 385 -30.07 23.64 -24.48
C GLU A 385 -29.67 24.10 -25.88
N GLU A 386 -29.29 25.37 -26.01
CA GLU A 386 -28.82 25.88 -27.30
C GLU A 386 -27.58 25.11 -27.72
N GLU A 387 -26.72 24.82 -26.75
CA GLU A 387 -25.46 24.10 -26.99
C GLU A 387 -25.71 22.65 -27.39
N ILE A 388 -26.75 22.05 -26.83
CA ILE A 388 -27.13 20.70 -27.22
C ILE A 388 -27.55 20.70 -28.70
N ASN A 389 -28.33 21.69 -29.09
CA ASN A 389 -28.86 21.77 -30.46
C ASN A 389 -27.79 22.02 -31.52
N GLY B 1 35.23 -28.31 1.45
CA GLY B 1 34.09 -27.74 0.74
C GLY B 1 32.82 -27.80 1.57
N SER B 2 32.85 -28.60 2.62
CA SER B 2 31.71 -28.77 3.49
C SER B 2 31.32 -27.44 4.17
N ARG B 3 30.03 -27.23 4.38
CA ARG B 3 29.59 -26.05 5.13
C ARG B 3 29.23 -26.40 6.58
N ILE B 4 29.76 -27.55 7.02
CA ILE B 4 29.61 -27.95 8.41
C ILE B 4 30.73 -27.35 9.26
N LYS B 5 30.38 -26.69 10.37
CA LYS B 5 31.40 -26.19 11.26
C LYS B 5 32.24 -27.34 11.80
N GLN B 6 33.56 -27.25 11.66
CA GLN B 6 34.43 -28.38 11.94
C GLN B 6 34.82 -28.46 13.41
N ASN B 7 34.88 -27.30 14.06
CA ASN B 7 35.24 -27.22 15.47
C ASN B 7 34.25 -26.39 16.27
N PRO B 8 33.02 -26.89 16.41
CA PRO B 8 32.03 -26.14 17.20
C PRO B 8 32.45 -26.12 18.67
N GLU B 9 32.09 -25.07 19.40
CA GLU B 9 32.51 -24.93 20.78
C GLU B 9 31.69 -25.83 21.70
N THR B 10 30.41 -25.94 21.41
CA THR B 10 29.47 -26.68 22.25
C THR B 10 28.58 -27.56 21.38
N THR B 11 27.98 -28.57 21.98
CA THR B 11 27.09 -29.50 21.30
C THR B 11 25.83 -28.83 20.77
N PHE B 12 25.42 -27.73 21.40
CA PHE B 12 24.33 -26.91 20.88
C PHE B 12 24.41 -25.48 21.40
N GLU B 13 23.76 -24.56 20.68
CA GLU B 13 23.80 -23.16 21.03
C GLU B 13 22.69 -22.79 21.99
N VAL B 14 21.47 -23.17 21.66
CA VAL B 14 20.35 -22.92 22.54
C VAL B 14 19.22 -23.91 22.23
N TYR B 15 18.47 -24.22 23.27
CA TYR B 15 17.25 -25.01 23.19
C TYR B 15 16.05 -24.11 23.51
N VAL B 16 15.01 -24.14 22.70
CA VAL B 16 13.82 -23.35 23.02
C VAL B 16 12.54 -24.16 22.92
N GLU B 17 11.60 -23.80 23.78
CA GLU B 17 10.22 -24.24 23.64
C GLU B 17 9.42 -23.00 23.26
N VAL B 18 8.77 -23.06 22.10
CA VAL B 18 8.06 -21.91 21.52
C VAL B 18 6.60 -22.27 21.30
N ALA B 19 5.70 -21.34 21.60
CA ALA B 19 4.27 -21.60 21.47
C ALA B 19 3.44 -20.33 21.19
N TYR B 20 2.31 -20.48 20.51
CA TYR B 20 1.35 -19.40 20.43
C TYR B 20 0.61 -19.33 21.74
N PRO B 21 0.69 -18.19 22.44
CA PRO B 21 -0.01 -18.06 23.72
C PRO B 21 -1.53 -18.14 23.54
N ARG B 22 -2.19 -18.89 24.40
CA ARG B 22 -3.65 -19.06 24.33
C ARG B 22 -4.37 -17.90 25.03
N THR B 23 -5.27 -17.23 24.31
CA THR B 23 -5.93 -16.03 24.83
C THR B 23 -7.45 -16.14 24.77
N SER B 28 -0.46 -13.17 20.10
CA SER B 28 -0.87 -13.97 18.95
C SER B 28 0.34 -14.34 18.08
N ASP B 29 1.46 -13.67 18.31
CA ASP B 29 2.74 -14.07 17.74
C ASP B 29 3.37 -15.13 18.64
N PRO B 30 4.04 -16.13 18.05
CA PRO B 30 4.60 -17.18 18.92
C PRO B 30 5.74 -16.65 19.77
N GLU B 31 5.88 -17.17 20.98
CA GLU B 31 6.91 -16.69 21.90
C GLU B 31 7.66 -17.83 22.55
N VAL B 32 8.91 -17.57 22.92
CA VAL B 32 9.71 -18.53 23.67
C VAL B 32 9.16 -18.67 25.08
N GLN B 33 8.70 -19.87 25.42
CA GLN B 33 8.14 -20.17 26.73
C GLN B 33 9.24 -20.58 27.72
N ARG B 34 10.25 -21.28 27.20
CA ARG B 34 11.35 -21.77 28.02
C ARG B 34 12.60 -21.93 27.17
N GLN B 35 13.77 -21.71 27.75
CA GLN B 35 15.02 -21.80 27.01
C GLN B 35 16.14 -22.40 27.82
N PHE B 36 17.12 -22.98 27.14
CA PHE B 36 18.33 -23.43 27.81
C PHE B 36 19.54 -23.17 26.92
N PRO B 37 20.63 -22.62 27.48
CA PRO B 37 20.83 -22.14 28.86
C PRO B 37 19.86 -21.02 29.22
N GLU B 38 19.44 -20.95 30.48
CA GLU B 38 18.47 -19.95 30.88
C GLU B 38 19.00 -18.53 30.63
N ASP B 39 20.32 -18.39 30.65
CA ASP B 39 20.95 -17.09 30.46
C ASP B 39 21.37 -16.84 29.00
N TYR B 40 20.77 -17.56 28.06
CA TYR B 40 21.05 -17.29 26.65
C TYR B 40 20.44 -15.92 26.35
N SER B 41 21.24 -15.02 25.78
CA SER B 41 20.84 -13.62 25.70
C SER B 41 20.88 -13.00 24.30
N ASP B 42 21.07 -13.83 23.27
CA ASP B 42 21.03 -13.33 21.90
C ASP B 42 19.58 -13.21 21.46
N GLN B 43 19.02 -12.03 21.68
CA GLN B 43 17.62 -11.77 21.36
C GLN B 43 17.35 -11.89 19.87
N GLU B 44 18.34 -11.54 19.06
CA GLU B 44 18.15 -11.65 17.62
C GLU B 44 17.93 -13.12 17.21
N VAL B 45 18.74 -14.02 17.74
CA VAL B 45 18.56 -15.44 17.44
C VAL B 45 17.22 -15.94 17.96
N LEU B 46 16.89 -15.60 19.21
CA LEU B 46 15.64 -16.06 19.81
C LEU B 46 14.45 -15.63 18.95
N GLN B 47 14.48 -14.40 18.46
CA GLN B 47 13.40 -13.89 17.62
C GLN B 47 13.34 -14.66 16.28
N THR B 48 14.49 -14.86 15.66
CA THR B 48 14.62 -15.71 14.47
C THR B 48 14.02 -17.09 14.72
N LEU B 49 14.30 -17.66 15.89
CA LEU B 49 13.80 -19.00 16.17
C LEU B 49 12.27 -19.03 16.16
N THR B 50 11.63 -17.97 16.66
CA THR B 50 10.18 -17.99 16.74
C THR B 50 9.54 -18.00 15.36
N LYS B 51 10.24 -17.46 14.37
CA LYS B 51 9.70 -17.47 13.02
C LYS B 51 10.07 -18.76 12.27
N PHE B 52 11.28 -19.25 12.46
CA PHE B 52 11.69 -20.47 11.75
C PHE B 52 11.07 -21.72 12.37
N CYS B 53 10.58 -21.63 13.61
CA CYS B 53 9.90 -22.76 14.21
C CYS B 53 8.49 -22.96 13.66
N PHE B 54 7.91 -21.89 13.12
CA PHE B 54 6.56 -21.96 12.56
C PHE B 54 6.55 -21.35 11.17
N PRO B 55 7.25 -22.00 10.21
CA PRO B 55 7.45 -21.41 8.89
C PRO B 55 6.29 -21.66 7.94
N PHE B 56 5.09 -21.29 8.36
CA PHE B 56 3.87 -21.53 7.59
C PHE B 56 2.77 -20.58 8.03
N TYR B 57 1.65 -20.61 7.31
CA TYR B 57 0.53 -19.76 7.67
C TYR B 57 -0.37 -20.47 8.68
N VAL B 58 -0.70 -19.75 9.76
CA VAL B 58 -1.55 -20.30 10.81
C VAL B 58 -2.91 -20.73 10.27
N GLY B 67 5.47 -31.85 9.07
CA GLY B 67 5.16 -32.96 9.96
C GLY B 67 5.52 -32.61 11.38
N GLN B 68 5.90 -33.58 12.20
CA GLN B 68 6.27 -33.18 13.55
C GLN B 68 7.79 -32.97 13.70
N ASN B 69 8.65 -33.77 13.07
CA ASN B 69 10.06 -33.34 13.03
C ASN B 69 10.38 -32.55 11.75
N PHE B 70 11.18 -31.50 11.85
CA PHE B 70 11.80 -30.90 10.67
C PHE B 70 13.03 -30.13 11.10
N THR B 71 13.90 -29.81 10.14
CA THR B 71 15.16 -29.18 10.50
C THR B 71 15.45 -28.01 9.57
N PHE B 72 15.36 -26.79 10.09
CA PHE B 72 15.72 -25.64 9.29
C PHE B 72 17.20 -25.38 9.46
N VAL B 73 17.74 -24.49 8.63
CA VAL B 73 19.14 -24.12 8.74
C VAL B 73 19.30 -22.59 8.78
N LEU B 74 20.08 -22.11 9.74
CA LEU B 74 20.53 -20.72 9.71
C LEU B 74 21.98 -20.69 9.32
N THR B 75 22.33 -19.76 8.45
CA THR B 75 23.67 -19.71 7.90
C THR B 75 24.46 -18.57 8.55
N ASP B 76 25.70 -18.83 8.96
N ASP B 76 25.71 -18.88 8.91
CA ASP B 76 26.48 -17.75 9.56
CA ASP B 76 26.65 -17.92 9.51
C ASP B 76 27.37 -17.02 8.54
C ASP B 76 27.29 -16.96 8.51
N ILE B 77 28.08 -16.02 9.04
CA ILE B 77 28.83 -15.10 8.20
C ILE B 77 29.88 -15.81 7.34
N ASP B 78 30.32 -16.98 7.81
N ASP B 78 30.36 -16.98 7.75
CA ASP B 78 31.29 -17.85 7.13
CA ASP B 78 31.32 -17.71 6.92
C ASP B 78 30.62 -18.81 6.15
C ASP B 78 30.62 -18.81 6.14
N SER B 79 29.29 -18.74 6.11
CA SER B 79 28.42 -19.63 5.33
C SER B 79 28.36 -21.04 5.94
N LYS B 80 28.83 -21.19 7.17
CA LYS B 80 28.67 -22.45 7.92
C LYS B 80 27.25 -22.56 8.47
N GLN B 81 26.81 -23.78 8.77
CA GLN B 81 25.41 -24.01 9.00
C GLN B 81 25.03 -24.33 10.43
N ARG B 82 24.02 -23.63 10.92
N ARG B 82 24.06 -23.59 10.96
CA ARG B 82 23.39 -23.96 12.20
CA ARG B 82 23.40 -23.99 12.21
C ARG B 82 22.07 -24.69 11.96
C ARG B 82 22.13 -24.74 11.87
N PHE B 83 21.95 -25.91 12.47
CA PHE B 83 20.74 -26.69 12.25
C PHE B 83 19.70 -26.49 13.35
N GLY B 84 18.48 -26.17 12.93
CA GLY B 84 17.39 -25.97 13.88
C GLY B 84 16.53 -27.22 13.89
N PHE B 85 16.91 -28.20 14.72
CA PHE B 85 16.15 -29.43 14.84
C PHE B 85 14.89 -29.16 15.60
N CYS B 86 13.74 -29.42 14.97
CA CYS B 86 12.46 -29.11 15.57
C CYS B 86 11.55 -30.31 15.79
N ARG B 87 10.77 -30.23 16.85
CA ARG B 87 9.64 -31.11 17.08
C ARG B 87 8.37 -30.26 17.17
N LEU B 88 7.56 -30.29 16.12
CA LEU B 88 6.34 -29.49 16.12
C LEU B 88 5.20 -30.34 16.68
N SER B 89 4.42 -29.76 17.60
CA SER B 89 3.38 -30.53 18.26
C SER B 89 2.21 -30.77 17.32
N SER B 90 1.33 -31.69 17.70
CA SER B 90 0.05 -31.79 17.04
C SER B 90 -0.72 -30.53 17.40
N GLY B 91 -1.44 -29.99 16.42
CA GLY B 91 -2.04 -28.68 16.56
C GLY B 91 -1.13 -27.63 15.94
N ALA B 92 0.16 -27.94 15.87
CA ALA B 92 1.14 -27.06 15.24
C ALA B 92 1.29 -25.69 15.91
N LYS B 93 0.92 -25.58 17.18
CA LYS B 93 1.00 -24.30 17.90
C LYS B 93 2.10 -24.31 18.96
N SER B 94 2.82 -25.43 19.04
CA SER B 94 3.91 -25.58 19.97
C SER B 94 5.08 -26.27 19.26
N CYS B 95 6.30 -25.80 19.51
CA CYS B 95 7.47 -26.33 18.82
C CYS B 95 8.67 -26.34 19.75
N PHE B 96 9.32 -27.50 19.84
CA PHE B 96 10.55 -27.63 20.58
C PHE B 96 11.72 -27.61 19.60
N CYS B 97 12.75 -26.82 19.91
CA CYS B 97 13.82 -26.63 18.96
C CYS B 97 15.19 -26.60 19.61
N ILE B 98 16.10 -27.38 19.07
CA ILE B 98 17.50 -27.32 19.49
C ILE B 98 18.33 -26.83 18.30
N LEU B 99 19.12 -25.80 18.54
CA LEU B 99 19.91 -25.16 17.49
C LEU B 99 21.38 -25.50 17.70
N SER B 100 21.98 -26.16 16.73
CA SER B 100 23.29 -26.75 16.89
C SER B 100 24.08 -26.80 15.60
N TYR B 101 25.41 -26.67 15.72
CA TYR B 101 26.32 -26.84 14.59
C TYR B 101 26.52 -28.30 14.20
N LEU B 102 26.10 -29.22 15.07
CA LEU B 102 26.27 -30.65 14.79
C LEU B 102 25.09 -31.17 13.96
N PRO B 103 25.37 -31.72 12.77
CA PRO B 103 24.29 -32.21 11.89
C PRO B 103 23.81 -33.61 12.29
N TRP B 104 23.44 -33.75 13.55
CA TRP B 104 23.05 -35.05 14.09
C TRP B 104 21.53 -35.16 14.16
N PHE B 105 20.90 -35.39 13.02
CA PHE B 105 19.44 -35.35 12.95
C PHE B 105 18.80 -36.36 13.89
N GLU B 106 19.20 -37.62 13.78
CA GLU B 106 18.62 -38.67 14.60
C GLU B 106 18.89 -38.46 16.07
N VAL B 107 20.10 -38.04 16.42
CA VAL B 107 20.40 -37.78 17.82
C VAL B 107 19.48 -36.72 18.42
N PHE B 108 19.30 -35.60 17.72
CA PHE B 108 18.56 -34.51 18.32
C PHE B 108 17.04 -34.72 18.26
N TYR B 109 16.54 -35.40 17.24
CA TYR B 109 15.12 -35.73 17.20
C TYR B 109 14.75 -36.58 18.42
N LYS B 110 15.63 -37.52 18.76
CA LYS B 110 15.39 -38.38 19.93
C LYS B 110 15.41 -37.57 21.21
N LEU B 111 16.40 -36.70 21.34
CA LEU B 111 16.49 -35.85 22.51
C LEU B 111 15.27 -34.94 22.66
N LEU B 112 14.74 -34.48 21.53
CA LEU B 112 13.55 -33.61 21.55
C LEU B 112 12.31 -34.35 22.10
N ASN B 113 12.12 -35.59 21.68
CA ASN B 113 11.03 -36.40 22.24
C ASN B 113 11.18 -36.60 23.75
N ILE B 114 12.39 -36.91 24.18
CA ILE B 114 12.66 -37.12 25.61
C ILE B 114 12.38 -35.84 26.40
N LEU B 115 12.87 -34.71 25.89
CA LEU B 115 12.67 -33.43 26.55
C LEU B 115 11.20 -33.02 26.57
N ALA B 116 10.51 -33.21 25.44
CA ALA B 116 9.09 -32.90 25.36
C ALA B 116 8.31 -33.72 26.39
N ASP B 117 8.73 -34.96 26.62
CA ASP B 117 8.08 -35.80 27.62
C ASP B 117 8.29 -35.27 29.03
N TYR B 118 9.53 -34.91 29.37
CA TYR B 118 9.82 -34.31 30.68
C TYR B 118 9.02 -33.03 30.86
N THR B 119 8.88 -32.26 29.79
CA THR B 119 8.10 -31.04 29.84
C THR B 119 6.64 -31.34 30.16
N THR B 120 6.02 -32.21 29.35
CA THR B 120 4.64 -32.61 29.56
C THR B 120 4.40 -33.21 30.95
N LYS B 121 5.37 -33.96 31.44
CA LYS B 121 5.25 -34.63 32.74
C LYS B 121 5.75 -33.76 33.89
N ARG B 122 6.16 -32.54 33.56
CA ARG B 122 6.68 -31.57 34.52
C ARG B 122 7.82 -32.15 35.33
N GLN B 123 8.72 -32.86 34.66
CA GLN B 123 9.89 -33.40 35.33
C GLN B 123 11.07 -32.46 35.08
N GLU B 124 11.10 -31.38 35.86
CA GLU B 124 12.04 -30.29 35.61
C GLU B 124 13.47 -30.60 36.02
N ASN B 125 13.64 -31.52 36.97
CA ASN B 125 14.98 -31.94 37.35
C ASN B 125 15.64 -32.77 36.25
N GLN B 126 14.88 -33.68 35.64
CA GLN B 126 15.39 -34.53 34.56
C GLN B 126 15.64 -33.73 33.27
N TRP B 127 14.65 -32.93 32.89
CA TRP B 127 14.87 -31.81 31.98
C TRP B 127 15.95 -31.03 32.73
N ASN B 128 16.81 -30.29 32.08
CA ASN B 128 17.87 -29.55 32.79
C ASN B 128 19.06 -30.43 33.11
N GLU B 129 18.85 -31.58 33.79
CA GLU B 129 19.95 -32.52 33.95
C GLU B 129 20.39 -33.03 32.58
N LEU B 130 19.43 -33.34 31.73
CA LEU B 130 19.73 -33.84 30.39
C LEU B 130 20.41 -32.73 29.57
N LEU B 131 19.84 -31.54 29.61
CA LEU B 131 20.36 -30.39 28.89
C LEU B 131 21.70 -29.88 29.42
N GLU B 132 21.88 -29.90 30.74
CA GLU B 132 23.15 -29.46 31.33
C GLU B 132 24.28 -30.40 30.96
N THR B 133 24.01 -31.70 31.04
CA THR B 133 25.03 -32.70 30.74
C THR B 133 25.43 -32.59 29.26
N LEU B 134 24.44 -32.43 28.40
CA LEU B 134 24.70 -32.29 26.98
C LEU B 134 25.50 -31.03 26.69
N HIS B 135 25.11 -29.91 27.28
CA HIS B 135 25.73 -28.63 26.92
C HIS B 135 27.18 -28.58 27.41
N LYS B 136 27.44 -29.27 28.52
CA LYS B 136 28.79 -29.33 29.08
C LYS B 136 29.68 -30.32 28.35
N LEU B 137 29.10 -31.15 27.51
CA LEU B 137 29.87 -32.26 26.93
C LEU B 137 30.92 -31.77 25.95
N PRO B 138 32.19 -32.16 26.17
CA PRO B 138 33.20 -31.90 25.13
C PRO B 138 32.76 -32.60 23.85
N ILE B 139 32.95 -31.98 22.68
CA ILE B 139 32.52 -32.62 21.43
C ILE B 139 33.14 -34.00 21.29
N PRO B 140 32.30 -35.04 21.33
CA PRO B 140 32.77 -36.43 21.31
C PRO B 140 33.08 -36.91 19.90
N ASP B 141 34.01 -37.87 19.78
CA ASP B 141 34.47 -38.40 18.49
C ASP B 141 33.45 -39.29 17.80
N PRO B 142 33.57 -39.44 16.47
CA PRO B 142 32.70 -40.37 15.73
C PRO B 142 32.81 -41.80 16.22
N GLY B 143 31.67 -42.48 16.32
CA GLY B 143 31.64 -43.86 16.76
C GLY B 143 31.59 -44.06 18.26
N VAL B 144 31.86 -43.00 19.03
CA VAL B 144 31.87 -43.15 20.49
C VAL B 144 30.46 -43.07 21.04
N SER B 145 30.18 -43.93 22.03
CA SER B 145 28.89 -43.96 22.68
C SER B 145 28.83 -42.95 23.82
N VAL B 146 27.72 -42.23 23.90
CA VAL B 146 27.56 -41.15 24.87
C VAL B 146 26.30 -41.35 25.68
N HIS B 147 26.43 -41.52 27.00
CA HIS B 147 25.27 -41.51 27.85
C HIS B 147 25.11 -40.17 28.56
N LEU B 148 24.00 -39.49 28.29
CA LEU B 148 23.68 -38.25 28.99
C LEU B 148 23.02 -38.53 30.34
N SER B 149 22.33 -39.67 30.43
CA SER B 149 21.67 -40.15 31.64
C SER B 149 21.38 -41.63 31.49
N VAL B 150 20.73 -42.23 32.49
CA VAL B 150 20.34 -43.64 32.38
C VAL B 150 19.25 -43.78 31.30
N HIS B 151 18.60 -42.67 30.96
CA HIS B 151 17.47 -42.68 30.02
C HIS B 151 17.84 -42.29 28.60
N SER B 152 19.09 -41.92 28.36
CA SER B 152 19.45 -41.30 27.09
C SER B 152 20.87 -41.58 26.67
N TYR B 153 21.01 -42.22 25.51
CA TYR B 153 22.33 -42.38 24.94
C TYR B 153 22.30 -42.35 23.42
N PHE B 154 23.45 -42.07 22.83
CA PHE B 154 23.58 -42.13 21.38
C PHE B 154 25.00 -42.42 20.99
N THR B 155 25.17 -42.82 19.74
CA THR B 155 26.48 -42.96 19.15
C THR B 155 26.74 -41.76 18.23
N VAL B 156 27.90 -41.12 18.39
CA VAL B 156 28.25 -39.99 17.55
C VAL B 156 28.36 -40.45 16.12
N PRO B 157 27.60 -39.81 15.22
CA PRO B 157 27.64 -40.20 13.80
C PRO B 157 29.06 -40.17 13.23
N ASP B 158 29.28 -40.97 12.20
CA ASP B 158 30.52 -40.93 11.45
C ASP B 158 30.19 -40.42 10.05
N THR B 159 30.59 -39.19 9.77
CA THR B 159 30.26 -38.53 8.51
C THR B 159 30.95 -39.20 7.32
N ARG B 160 31.97 -40.00 7.61
CA ARG B 160 32.70 -40.72 6.56
C ARG B 160 31.90 -41.89 6.00
N GLU B 161 30.75 -42.17 6.60
CA GLU B 161 29.90 -43.27 6.13
C GLU B 161 28.70 -42.77 5.34
N LEU B 162 28.31 -43.52 4.32
CA LEU B 162 27.13 -43.17 3.54
C LEU B 162 25.86 -43.35 4.37
N PRO B 163 24.89 -42.46 4.18
CA PRO B 163 23.59 -42.58 4.84
C PRO B 163 22.89 -43.86 4.41
N SER B 164 22.30 -44.55 5.36
N SER B 164 22.28 -44.53 5.36
CA SER B 164 21.57 -45.79 5.10
CA SER B 164 21.57 -45.76 5.10
C SER B 164 20.08 -45.63 5.35
C SER B 164 20.07 -45.62 5.35
N ILE B 165 19.29 -46.44 4.66
CA ILE B 165 17.84 -46.45 4.81
C ILE B 165 17.46 -47.72 5.55
N PRO B 166 16.65 -47.61 6.62
CA PRO B 166 15.92 -46.42 7.04
C PRO B 166 16.52 -45.62 8.20
N GLU B 167 17.77 -45.86 8.59
CA GLU B 167 18.28 -45.13 9.75
C GLU B 167 18.49 -43.64 9.50
N ASN B 168 18.84 -43.24 8.28
CA ASN B 168 18.96 -41.82 7.98
C ASN B 168 17.58 -41.23 7.70
N ARG B 169 17.09 -40.36 8.58
CA ARG B 169 15.74 -39.82 8.44
C ARG B 169 15.54 -39.00 7.15
N ASN B 170 16.51 -38.18 6.81
CA ASN B 170 16.41 -37.34 5.62
C ASN B 170 16.33 -38.15 4.32
N LEU B 171 17.29 -39.05 4.11
CA LEU B 171 17.36 -39.81 2.87
C LEU B 171 16.13 -40.71 2.76
N THR B 172 15.78 -41.35 3.87
CA THR B 172 14.62 -42.24 3.91
C THR B 172 13.34 -41.52 3.50
N GLU B 173 13.03 -40.40 4.15
CA GLU B 173 11.78 -39.71 3.83
C GLU B 173 11.83 -39.09 2.43
N TYR B 174 13.01 -38.63 2.00
CA TYR B 174 13.17 -38.13 0.64
C TYR B 174 12.84 -39.22 -0.37
N PHE B 175 13.38 -40.42 -0.14
CA PHE B 175 13.24 -41.52 -1.09
C PHE B 175 11.79 -42.02 -1.17
N VAL B 176 11.12 -42.00 -0.03
CA VAL B 176 9.73 -42.46 0.06
C VAL B 176 8.76 -41.46 -0.59
N ALA B 177 9.10 -40.18 -0.52
CA ALA B 177 8.23 -39.09 -0.99
C ALA B 177 8.34 -38.73 -2.48
N VAL B 178 9.54 -38.87 -3.04
CA VAL B 178 9.81 -38.29 -4.36
C VAL B 178 10.12 -39.36 -5.40
N ASP B 179 9.40 -39.33 -6.52
CA ASP B 179 9.61 -40.28 -7.62
C ASP B 179 11.07 -40.39 -8.00
N VAL B 180 11.45 -41.55 -8.51
CA VAL B 180 12.81 -41.71 -9.04
C VAL B 180 13.08 -40.67 -10.11
N ASN B 181 12.12 -40.46 -11.01
CA ASN B 181 12.31 -39.49 -12.08
C ASN B 181 12.49 -38.09 -11.54
N ASN B 182 11.82 -37.77 -10.44
CA ASN B 182 11.99 -36.44 -9.88
C ASN B 182 13.29 -36.32 -9.08
N MET B 183 13.74 -37.42 -8.47
CA MET B 183 15.06 -37.44 -7.85
C MET B 183 16.14 -37.17 -8.90
N LEU B 184 15.95 -37.74 -10.08
CA LEU B 184 16.91 -37.57 -11.16
C LEU B 184 16.94 -36.11 -11.61
N HIS B 185 15.76 -35.51 -11.70
CA HIS B 185 15.66 -34.11 -12.08
C HIS B 185 16.29 -33.17 -11.06
N LEU B 186 16.10 -33.44 -9.76
CA LEU B 186 16.72 -32.60 -8.74
C LEU B 186 18.23 -32.68 -8.83
N TYR B 187 18.72 -33.91 -8.97
CA TYR B 187 20.14 -34.19 -9.11
C TYR B 187 20.71 -33.42 -10.30
N ALA B 188 20.06 -33.56 -11.46
CA ALA B 188 20.52 -32.88 -12.68
C ALA B 188 20.48 -31.38 -12.52
N SER B 189 19.45 -30.87 -11.84
CA SER B 189 19.32 -29.42 -11.70
C SER B 189 20.46 -28.89 -10.81
N MET B 190 20.86 -29.68 -9.82
CA MET B 190 21.98 -29.27 -8.96
C MET B 190 23.31 -29.31 -9.72
N LEU B 191 23.46 -30.30 -10.60
CA LEU B 191 24.69 -30.42 -11.38
C LEU B 191 24.84 -29.29 -12.42
N TYR B 192 23.80 -28.48 -12.54
CA TYR B 192 23.82 -27.27 -13.36
C TYR B 192 23.72 -26.02 -12.50
N GLU B 193 23.66 -26.22 -11.18
CA GLU B 193 23.49 -25.16 -10.20
C GLU B 193 22.35 -24.21 -10.57
N ARG B 194 21.20 -24.80 -10.79
CA ARG B 194 19.97 -24.06 -10.97
C ARG B 194 19.45 -23.44 -9.69
N ARG B 195 18.43 -22.62 -9.87
N ARG B 195 18.37 -22.68 -9.85
CA ARG B 195 17.61 -22.15 -8.77
CA ARG B 195 17.62 -22.15 -8.72
C ARG B 195 16.54 -23.21 -8.58
C ARG B 195 16.42 -23.04 -8.49
N ILE B 196 16.44 -23.74 -7.37
CA ILE B 196 15.58 -24.87 -7.13
C ILE B 196 14.67 -24.62 -5.94
N LEU B 197 13.37 -24.73 -6.17
CA LEU B 197 12.36 -24.51 -5.15
C LEU B 197 11.61 -25.82 -4.90
N ILE B 198 11.64 -26.31 -3.67
CA ILE B 198 10.89 -27.52 -3.32
C ILE B 198 9.70 -27.12 -2.44
N ILE B 199 8.53 -27.66 -2.75
CA ILE B 199 7.28 -27.28 -2.10
C ILE B 199 6.58 -28.52 -1.57
N CYS B 200 6.11 -28.47 -0.34
CA CYS B 200 5.48 -29.63 0.29
C CYS B 200 4.55 -29.18 1.42
N SER B 201 3.47 -29.90 1.63
CA SER B 201 2.51 -29.55 2.68
C SER B 201 2.98 -30.07 4.05
N LYS B 202 3.95 -30.98 4.07
CA LYS B 202 4.54 -31.43 5.33
C LYS B 202 5.96 -30.91 5.50
N LEU B 203 6.22 -30.24 6.62
CA LEU B 203 7.56 -29.74 6.91
C LEU B 203 8.59 -30.87 7.05
N SER B 204 8.22 -31.98 7.67
CA SER B 204 9.16 -33.11 7.79
C SER B 204 9.65 -33.54 6.41
N THR B 205 8.72 -33.80 5.50
CA THR B 205 9.08 -34.20 4.14
C THR B 205 9.86 -33.11 3.43
N LEU B 206 9.46 -31.88 3.66
CA LEU B 206 10.06 -30.75 2.95
C LEU B 206 11.55 -30.62 3.23
N THR B 207 11.94 -30.62 4.50
CA THR B 207 13.34 -30.38 4.79
C THR B 207 14.14 -31.65 4.57
N ALA B 208 13.50 -32.82 4.70
CA ALA B 208 14.16 -34.08 4.35
C ALA B 208 14.57 -34.09 2.89
N CYS B 209 13.68 -33.61 2.02
CA CYS B 209 13.95 -33.56 0.58
C CYS B 209 15.12 -32.64 0.27
N ILE B 210 15.18 -31.50 0.95
CA ILE B 210 16.28 -30.58 0.76
C ILE B 210 17.60 -31.17 1.25
N HIS B 211 17.62 -31.64 2.49
CA HIS B 211 18.86 -32.15 3.09
C HIS B 211 19.28 -33.41 2.32
N GLY B 212 18.29 -34.26 2.03
CA GLY B 212 18.55 -35.56 1.42
C GLY B 212 19.00 -35.47 -0.02
N SER B 213 18.37 -34.61 -0.81
CA SER B 213 18.82 -34.42 -2.20
C SER B 213 20.19 -33.75 -2.23
N ALA B 214 20.41 -32.76 -1.37
CA ALA B 214 21.72 -32.12 -1.34
C ALA B 214 22.83 -33.11 -0.97
N ALA B 215 22.53 -34.02 -0.05
CA ALA B 215 23.48 -35.06 0.37
C ALA B 215 23.98 -35.95 -0.77
N MET B 216 23.15 -36.14 -1.78
CA MET B 216 23.55 -37.00 -2.90
C MET B 216 24.66 -36.38 -3.78
N LEU B 217 25.00 -35.11 -3.56
CA LEU B 217 26.12 -34.49 -4.27
C LEU B 217 27.49 -34.91 -3.73
N TYR B 218 27.51 -35.57 -2.58
CA TYR B 218 28.74 -35.99 -1.92
C TYR B 218 29.67 -36.65 -2.96
N PRO B 219 30.97 -36.29 -2.98
CA PRO B 219 31.79 -35.53 -2.05
C PRO B 219 31.70 -34.04 -2.25
N MET B 220 30.80 -33.58 -3.09
CA MET B 220 30.62 -32.15 -3.22
C MET B 220 29.41 -31.70 -2.43
N TYR B 221 29.31 -30.39 -2.25
CA TYR B 221 28.29 -29.80 -1.39
C TYR B 221 27.66 -28.61 -2.08
N TRP B 222 26.40 -28.34 -1.79
CA TRP B 222 25.76 -27.15 -2.30
C TRP B 222 26.44 -25.93 -1.69
N GLN B 223 26.85 -24.98 -2.54
CA GLN B 223 27.74 -23.89 -2.13
C GLN B 223 27.07 -22.53 -2.02
N HIS B 224 25.90 -22.38 -2.60
CA HIS B 224 25.27 -21.05 -2.61
C HIS B 224 24.05 -21.07 -1.68
N VAL B 225 22.95 -20.42 -2.06
CA VAL B 225 21.85 -20.22 -1.09
C VAL B 225 21.19 -21.55 -0.70
N TYR B 226 21.13 -21.81 0.59
CA TYR B 226 20.66 -23.10 1.09
C TYR B 226 19.68 -22.88 2.24
N ILE B 227 18.39 -23.06 1.98
CA ILE B 227 17.37 -22.72 2.97
C ILE B 227 16.32 -23.82 2.96
N PRO B 228 16.55 -24.87 3.76
CA PRO B 228 15.66 -26.04 3.77
C PRO B 228 14.20 -25.68 4.00
N VAL B 229 13.94 -24.67 4.83
CA VAL B 229 12.58 -24.13 4.88
C VAL B 229 12.63 -22.62 5.09
N LEU B 230 11.86 -21.93 4.25
CA LEU B 230 11.86 -20.48 4.20
C LEU B 230 10.55 -19.97 4.81
N PRO B 231 10.65 -19.21 5.91
CA PRO B 231 9.42 -18.72 6.55
C PRO B 231 8.82 -17.56 5.74
N PRO B 232 7.50 -17.34 5.93
CA PRO B 232 6.73 -16.35 5.17
C PRO B 232 7.36 -14.96 5.07
N HIS B 233 7.97 -14.45 6.14
CA HIS B 233 8.45 -13.07 6.11
C HIS B 233 9.69 -12.92 5.23
N LEU B 234 10.25 -14.03 4.76
CA LEU B 234 11.46 -13.96 3.92
C LEU B 234 11.19 -14.51 2.53
N LEU B 235 9.92 -14.64 2.17
CA LEU B 235 9.54 -15.28 0.93
C LEU B 235 10.11 -14.56 -0.31
N ASP B 236 10.37 -13.27 -0.19
CA ASP B 236 10.96 -12.48 -1.28
C ASP B 236 12.29 -13.04 -1.76
N TYR B 237 12.95 -13.80 -0.89
CA TYR B 237 14.27 -14.33 -1.23
C TYR B 237 14.22 -15.41 -2.32
N CYS B 238 13.03 -15.85 -2.73
CA CYS B 238 12.93 -16.73 -3.89
C CYS B 238 13.26 -15.98 -5.17
N CYS B 239 13.42 -14.67 -5.08
CA CYS B 239 13.87 -13.87 -6.23
C CYS B 239 15.39 -13.76 -6.35
N ALA B 240 16.13 -14.34 -5.41
CA ALA B 240 17.59 -14.36 -5.49
C ALA B 240 18.01 -14.88 -6.84
N PRO B 241 18.93 -14.17 -7.50
CA PRO B 241 19.30 -14.58 -8.87
C PRO B 241 20.43 -15.62 -8.91
N MET B 242 21.20 -15.70 -7.84
CA MET B 242 22.26 -16.72 -7.76
C MET B 242 21.64 -18.09 -7.51
N PRO B 243 22.43 -19.17 -7.69
CA PRO B 243 21.87 -20.51 -7.49
C PRO B 243 21.29 -20.69 -6.09
N TYR B 244 20.17 -21.38 -6.01
CA TYR B 244 19.63 -21.62 -4.69
C TYR B 244 18.90 -22.95 -4.56
N LEU B 245 18.82 -23.41 -3.33
CA LEU B 245 18.08 -24.60 -2.99
C LEU B 245 17.20 -24.23 -1.79
N ILE B 246 15.92 -24.08 -2.04
CA ILE B 246 15.00 -23.48 -1.08
C ILE B 246 13.74 -24.29 -0.96
N GLY B 247 13.28 -24.52 0.27
CA GLY B 247 12.00 -25.18 0.44
C GLY B 247 10.98 -24.24 1.05
N ILE B 248 9.73 -24.40 0.65
CA ILE B 248 8.65 -23.62 1.25
C ILE B 248 7.46 -24.52 1.51
N HIS B 249 6.71 -24.21 2.56
CA HIS B 249 5.48 -24.92 2.84
C HIS B 249 4.47 -24.63 1.75
N LEU B 250 3.58 -25.59 1.47
CA LEU B 250 2.57 -25.44 0.43
C LEU B 250 1.70 -24.17 0.62
N SER B 251 1.55 -23.74 1.87
CA SER B 251 0.72 -22.58 2.15
C SER B 251 1.31 -21.30 1.58
N LEU B 252 2.57 -21.34 1.16
CA LEU B 252 3.26 -20.16 0.65
C LEU B 252 3.37 -20.17 -0.88
N MET B 253 2.82 -21.19 -1.52
CA MET B 253 3.01 -21.37 -2.96
C MET B 253 2.29 -20.30 -3.79
N GLU B 254 1.05 -19.98 -3.41
CA GLU B 254 0.29 -18.99 -4.16
C GLU B 254 1.02 -17.66 -4.22
N LYS B 255 1.55 -17.23 -3.09
CA LYS B 255 2.29 -15.96 -3.03
C LYS B 255 3.57 -16.01 -3.85
N VAL B 256 4.24 -17.17 -3.85
CA VAL B 256 5.50 -17.35 -4.57
C VAL B 256 5.27 -17.28 -6.07
N ARG B 257 4.19 -17.90 -6.52
CA ARG B 257 3.93 -17.95 -7.95
C ARG B 257 3.44 -16.61 -8.50
N ASN B 258 3.12 -15.70 -7.60
CA ASN B 258 2.76 -14.33 -7.98
C ASN B 258 3.98 -13.42 -8.10
N MET B 259 5.14 -13.92 -7.72
CA MET B 259 6.38 -13.17 -7.83
C MET B 259 7.00 -13.36 -9.22
N ALA B 260 7.99 -12.53 -9.54
CA ALA B 260 8.74 -12.70 -10.78
C ALA B 260 9.90 -13.65 -10.54
N LEU B 261 9.66 -14.95 -10.76
CA LEU B 261 10.72 -15.93 -10.59
C LEU B 261 11.43 -16.22 -11.91
N ASP B 262 12.61 -15.64 -11.99
CA ASP B 262 13.60 -15.90 -13.01
C ASP B 262 13.85 -17.39 -13.16
N ASP B 263 13.40 -18.10 -14.21
CA ASP B 263 13.93 -19.44 -14.48
C ASP B 263 14.19 -20.26 -13.21
N VAL B 264 13.17 -20.91 -12.69
CA VAL B 264 13.30 -21.64 -11.42
C VAL B 264 12.86 -23.06 -11.65
N VAL B 265 13.53 -24.01 -11.03
CA VAL B 265 13.05 -25.37 -11.06
C VAL B 265 12.17 -25.58 -9.85
N ILE B 266 10.93 -26.04 -10.09
CA ILE B 266 9.98 -26.22 -8.99
C ILE B 266 9.48 -27.64 -8.87
N LEU B 267 9.65 -28.21 -7.68
CA LEU B 267 9.13 -29.53 -7.42
C LEU B 267 8.02 -29.45 -6.38
N ASN B 268 6.81 -29.81 -6.80
CA ASN B 268 5.72 -29.99 -5.87
C ASN B 268 5.78 -31.43 -5.40
N VAL B 269 6.24 -31.63 -4.17
CA VAL B 269 6.43 -32.99 -3.63
C VAL B 269 5.11 -33.70 -3.39
N ASP B 270 4.08 -32.93 -3.03
CA ASP B 270 2.74 -33.46 -2.84
C ASP B 270 2.28 -34.22 -4.08
N THR B 271 2.41 -33.57 -5.22
CA THR B 271 1.90 -34.15 -6.45
C THR B 271 3.00 -34.77 -7.32
N ASN B 272 4.25 -34.71 -6.85
CA ASN B 272 5.40 -35.13 -7.65
C ASN B 272 5.37 -34.53 -9.04
N THR B 273 5.01 -33.25 -9.11
CA THR B 273 5.01 -32.51 -10.35
C THR B 273 6.23 -31.61 -10.38
N LEU B 274 7.08 -31.78 -11.38
CA LEU B 274 8.25 -30.93 -11.49
C LEU B 274 8.16 -30.02 -12.72
N GLU B 275 8.42 -28.73 -12.52
CA GLU B 275 8.48 -27.78 -13.62
C GLU B 275 9.91 -27.30 -13.80
N THR B 276 10.42 -27.40 -15.01
CA THR B 276 11.74 -26.85 -15.30
C THR B 276 11.79 -26.31 -16.73
N PRO B 277 12.48 -25.18 -16.91
CA PRO B 277 12.59 -24.61 -18.26
C PRO B 277 13.80 -25.20 -18.99
N PHE B 278 14.53 -26.11 -18.33
CA PHE B 278 15.78 -26.62 -18.89
C PHE B 278 15.70 -28.09 -19.27
N ASP B 279 16.64 -28.52 -20.10
CA ASP B 279 16.75 -29.91 -20.52
C ASP B 279 17.90 -30.62 -19.78
N ASP B 280 18.10 -30.26 -18.52
CA ASP B 280 19.30 -30.67 -17.78
C ASP B 280 19.44 -32.19 -17.67
N LEU B 281 18.38 -32.88 -17.26
CA LEU B 281 18.47 -34.33 -17.08
C LEU B 281 18.77 -35.02 -18.41
N GLN B 282 18.05 -34.64 -19.45
CA GLN B 282 18.28 -35.22 -20.79
C GLN B 282 19.69 -34.90 -21.30
N SER B 283 20.25 -33.77 -20.89
CA SER B 283 21.59 -33.36 -21.36
C SER B 283 22.74 -34.15 -20.76
N LEU B 284 22.54 -34.72 -19.58
CA LEU B 284 23.56 -35.52 -18.91
C LEU B 284 23.86 -36.78 -19.67
N PRO B 285 25.11 -37.25 -19.60
CA PRO B 285 25.53 -38.54 -20.19
C PRO B 285 24.55 -39.66 -19.84
N ASN B 286 23.94 -40.21 -20.89
CA ASN B 286 22.84 -41.17 -20.77
C ASN B 286 23.21 -42.48 -20.08
N ASP B 287 24.44 -42.91 -20.29
CA ASP B 287 24.91 -44.16 -19.72
C ASP B 287 24.97 -44.04 -18.19
N VAL B 288 25.47 -42.90 -17.72
CA VAL B 288 25.59 -42.69 -16.28
C VAL B 288 24.21 -42.60 -15.65
N ILE B 289 23.30 -41.87 -16.30
CA ILE B 289 21.97 -41.66 -15.73
C ILE B 289 21.13 -42.92 -15.81
N SER B 290 21.29 -43.70 -16.88
CA SER B 290 20.56 -44.96 -16.97
C SER B 290 21.02 -45.93 -15.89
N SER B 291 22.33 -45.95 -15.63
CA SER B 291 22.87 -46.83 -14.58
C SER B 291 22.36 -46.46 -13.19
N LEU B 292 22.32 -45.17 -12.92
CA LEU B 292 21.81 -44.64 -11.65
C LEU B 292 20.33 -44.97 -11.49
N LYS B 293 19.56 -44.70 -12.54
CA LYS B 293 18.12 -44.95 -12.55
C LYS B 293 17.79 -46.41 -12.32
N ASN B 294 18.51 -47.30 -12.98
CA ASN B 294 18.30 -48.72 -12.77
C ASN B 294 18.56 -49.14 -11.32
N ARG B 295 19.59 -48.58 -10.72
CA ARG B 295 19.91 -48.88 -9.32
C ARG B 295 18.81 -48.38 -8.38
N LEU B 296 18.30 -47.19 -8.64
CA LEU B 296 17.27 -46.61 -7.77
C LEU B 296 15.94 -47.34 -7.89
N LYS B 297 15.72 -48.01 -9.02
CA LYS B 297 14.44 -48.67 -9.28
C LYS B 297 14.40 -50.10 -8.73
N LYS B 298 15.56 -50.62 -8.35
CA LYS B 298 15.66 -51.99 -7.86
C LYS B 298 15.25 -52.09 -6.40
N VAL B 299 14.50 -53.14 -6.07
CA VAL B 299 13.92 -53.33 -4.75
C VAL B 299 14.95 -53.53 -3.65
N SER B 300 16.20 -53.73 -4.05
CA SER B 300 17.29 -53.92 -3.11
C SER B 300 17.53 -52.67 -2.25
N THR B 301 17.52 -51.51 -2.88
CA THR B 301 17.95 -50.27 -2.23
C THR B 301 16.95 -49.70 -1.23
N THR B 302 15.78 -50.33 -1.11
CA THR B 302 14.79 -49.94 -0.10
C THR B 302 15.35 -50.24 1.30
N THR B 303 16.47 -50.97 1.32
CA THR B 303 17.25 -51.21 2.53
C THR B 303 18.72 -50.90 2.26
N GLY B 304 19.45 -50.52 3.31
CA GLY B 304 20.88 -50.38 3.24
C GLY B 304 21.35 -49.05 2.66
N ASP B 305 22.61 -49.02 2.25
CA ASP B 305 23.20 -47.81 1.72
C ASP B 305 23.10 -47.73 0.19
N GLY B 306 22.22 -48.53 -0.40
CA GLY B 306 22.12 -48.65 -1.84
C GLY B 306 21.84 -47.34 -2.58
N VAL B 307 20.93 -46.54 -2.04
CA VAL B 307 20.55 -45.30 -2.69
C VAL B 307 21.74 -44.36 -2.73
N ALA B 308 22.38 -44.17 -1.57
CA ALA B 308 23.58 -43.32 -1.49
C ALA B 308 24.70 -43.87 -2.36
N ARG B 309 24.89 -45.19 -2.38
CA ARG B 309 25.93 -45.78 -3.23
C ARG B 309 25.68 -45.50 -4.70
N ALA B 310 24.41 -45.51 -5.09
CA ALA B 310 24.06 -45.30 -6.49
C ALA B 310 24.47 -43.90 -6.92
N PHE B 311 24.15 -42.89 -6.11
CA PHE B 311 24.51 -41.52 -6.44
C PHE B 311 26.01 -41.32 -6.34
N LEU B 312 26.65 -41.98 -5.38
CA LEU B 312 28.09 -41.94 -5.24
C LEU B 312 28.78 -42.46 -6.52
N LYS B 313 28.25 -43.56 -7.06
CA LYS B 313 28.82 -44.16 -8.26
C LYS B 313 28.64 -43.25 -9.47
N ALA B 314 27.53 -42.52 -9.50
CA ALA B 314 27.27 -41.55 -10.55
C ALA B 314 28.23 -40.37 -10.43
N GLN B 315 28.40 -39.85 -9.21
CA GLN B 315 29.38 -38.79 -9.01
C GLN B 315 30.79 -39.24 -9.41
N ALA B 316 31.12 -40.50 -9.14
CA ALA B 316 32.43 -41.03 -9.50
C ALA B 316 32.58 -41.14 -11.02
N ALA B 317 31.53 -41.58 -11.70
CA ALA B 317 31.58 -41.68 -13.16
C ALA B 317 31.69 -40.31 -13.81
N PHE B 318 31.02 -39.33 -13.22
CA PHE B 318 30.99 -37.96 -13.76
C PHE B 318 32.29 -37.21 -13.55
N PHE B 319 32.84 -37.31 -12.35
CA PHE B 319 33.90 -36.40 -11.92
C PHE B 319 35.21 -37.11 -11.65
N GLY B 320 35.17 -38.44 -11.66
CA GLY B 320 36.30 -39.26 -11.34
C GLY B 320 37.57 -39.00 -12.14
N SER B 321 37.44 -38.49 -13.36
CA SER B 321 38.64 -38.23 -14.19
C SER B 321 39.41 -37.00 -13.70
N TYR B 322 38.95 -36.39 -12.61
CA TYR B 322 39.60 -35.18 -12.12
C TYR B 322 41.03 -35.47 -11.69
N ARG B 323 41.29 -36.69 -11.23
CA ARG B 323 42.65 -37.08 -10.85
C ARG B 323 43.65 -36.88 -11.97
N ASN B 324 43.26 -37.26 -13.18
CA ASN B 324 44.16 -37.20 -14.34
C ASN B 324 44.49 -35.78 -14.77
N ALA B 325 43.84 -34.80 -14.14
CA ALA B 325 44.05 -33.41 -14.51
C ALA B 325 44.96 -32.72 -13.49
N LEU B 326 45.42 -33.47 -12.50
CA LEU B 326 46.34 -32.93 -11.52
C LEU B 326 47.75 -32.87 -12.10
N LYS B 327 48.35 -31.68 -12.06
CA LYS B 327 49.73 -31.55 -12.52
C LYS B 327 50.67 -31.60 -11.33
N ILE B 328 51.50 -32.63 -11.28
CA ILE B 328 52.39 -32.84 -10.14
C ILE B 328 53.84 -32.55 -10.50
N GLU B 329 54.34 -31.45 -9.94
CA GLU B 329 55.55 -30.78 -10.44
C GLU B 329 56.67 -30.72 -9.41
N PRO B 330 57.90 -30.49 -9.85
CA PRO B 330 58.89 -30.87 -8.86
C PRO B 330 59.18 -29.82 -7.81
N GLU B 331 59.16 -28.55 -8.21
CA GLU B 331 59.36 -27.45 -7.31
C GLU B 331 58.02 -26.86 -6.96
N GLU B 332 57.26 -26.55 -8.01
CA GLU B 332 55.90 -26.05 -7.89
C GLU B 332 54.99 -27.08 -7.26
N PRO B 333 53.98 -26.61 -6.50
CA PRO B 333 52.99 -27.48 -5.85
C PRO B 333 52.00 -28.07 -6.85
N ILE B 334 51.01 -28.80 -6.34
CA ILE B 334 50.04 -29.48 -7.18
C ILE B 334 48.93 -28.53 -7.64
N THR B 335 48.66 -28.55 -8.94
CA THR B 335 47.61 -27.73 -9.51
C THR B 335 46.60 -28.56 -10.29
N PHE B 336 45.53 -27.91 -10.74
CA PHE B 336 44.50 -28.57 -11.54
C PHE B 336 44.51 -27.98 -12.93
N CYS B 337 44.76 -28.82 -13.92
CA CYS B 337 44.81 -28.40 -15.32
C CYS B 337 43.44 -28.59 -15.96
N GLU B 338 42.72 -27.48 -16.14
CA GLU B 338 41.37 -27.53 -16.67
C GLU B 338 41.34 -28.02 -18.12
N GLU B 339 42.33 -27.62 -18.90
CA GLU B 339 42.39 -28.07 -20.29
C GLU B 339 42.48 -29.58 -20.40
N ALA B 340 43.32 -30.18 -19.57
CA ALA B 340 43.42 -31.63 -19.48
C ALA B 340 42.08 -32.27 -19.08
N PHE B 341 41.42 -31.70 -18.08
CA PHE B 341 40.17 -32.25 -17.54
C PHE B 341 39.08 -32.30 -18.61
N VAL B 342 39.04 -31.27 -19.42
CA VAL B 342 37.98 -31.00 -20.37
C VAL B 342 38.23 -31.76 -21.71
N SER B 343 39.46 -32.21 -21.92
N SER B 343 39.46 -32.21 -21.92
CA SER B 343 39.83 -32.78 -23.20
CA SER B 343 39.85 -32.78 -23.20
C SER B 343 40.01 -34.30 -23.18
C SER B 343 39.98 -34.31 -23.20
N HIS B 344 39.64 -34.93 -22.07
CA HIS B 344 39.65 -36.40 -22.01
C HIS B 344 38.26 -36.90 -21.68
N TYR B 345 37.65 -37.65 -22.60
CA TYR B 345 36.25 -38.04 -22.42
C TYR B 345 35.89 -39.25 -23.26
N ARG B 346 34.87 -39.97 -22.83
CA ARG B 346 34.48 -41.22 -23.47
C ARG B 346 33.21 -41.05 -24.27
N SER B 347 32.72 -39.82 -24.34
CA SER B 347 31.53 -39.53 -25.13
C SER B 347 31.40 -38.03 -25.35
N GLY B 348 30.70 -37.66 -26.42
CA GLY B 348 30.32 -36.29 -26.66
C GLY B 348 29.52 -35.71 -25.50
N ALA B 349 28.69 -36.51 -24.86
CA ALA B 349 27.93 -36.02 -23.71
C ALA B 349 28.86 -35.68 -22.54
N MET B 350 29.89 -36.51 -22.33
CA MET B 350 30.84 -36.22 -21.25
C MET B 350 31.70 -35.01 -21.57
N ARG B 351 32.10 -34.84 -22.83
CA ARG B 351 32.81 -33.64 -23.23
C ARG B 351 32.04 -32.40 -22.76
N GLN B 352 30.74 -32.41 -23.04
CA GLN B 352 29.88 -31.28 -22.69
C GLN B 352 29.78 -31.17 -21.18
N PHE B 353 29.65 -32.32 -20.51
CA PHE B 353 29.53 -32.33 -19.07
C PHE B 353 30.77 -31.74 -18.40
N LEU B 354 31.95 -32.16 -18.87
CA LEU B 354 33.20 -31.76 -18.22
C LEU B 354 33.41 -30.26 -18.36
N GLN B 355 33.16 -29.72 -19.55
CA GLN B 355 33.23 -28.28 -19.75
C GLN B 355 32.28 -27.57 -18.79
N ASN B 356 31.04 -28.06 -18.72
CA ASN B 356 30.06 -27.48 -17.83
C ASN B 356 30.50 -27.54 -16.36
N ALA B 357 31.17 -28.64 -15.99
CA ALA B 357 31.55 -28.83 -14.59
C ALA B 357 32.56 -27.79 -14.14
N THR B 358 33.35 -27.27 -15.07
CA THR B 358 34.35 -26.28 -14.73
C THR B 358 33.67 -24.98 -14.28
N GLN B 359 32.38 -24.83 -14.59
CA GLN B 359 31.61 -23.64 -14.25
C GLN B 359 30.85 -23.77 -12.92
N LEU B 360 30.99 -24.91 -12.25
CA LEU B 360 30.24 -25.20 -11.04
C LEU B 360 30.99 -24.80 -9.77
N GLN B 361 30.35 -24.03 -8.90
CA GLN B 361 30.97 -23.71 -7.62
C GLN B 361 31.19 -24.97 -6.78
N LEU B 362 30.24 -25.90 -6.85
CA LEU B 362 30.34 -27.11 -6.03
C LEU B 362 31.56 -27.93 -6.47
N PHE B 363 31.92 -27.86 -7.76
CA PHE B 363 33.11 -28.57 -8.23
C PHE B 363 34.37 -27.79 -7.89
N LYS B 364 34.32 -26.46 -8.03
CA LYS B 364 35.44 -25.58 -7.68
C LYS B 364 35.89 -25.77 -6.23
N GLN B 365 34.94 -25.78 -5.30
CA GLN B 365 35.28 -25.97 -3.90
C GLN B 365 35.86 -27.36 -3.67
N PHE B 366 35.33 -28.34 -4.39
CA PHE B 366 35.87 -29.70 -4.29
C PHE B 366 37.33 -29.74 -4.74
N ILE B 367 37.60 -29.17 -5.90
CA ILE B 367 38.94 -29.19 -6.44
C ILE B 367 39.91 -28.39 -5.57
N ASP B 368 39.52 -27.17 -5.21
CA ASP B 368 40.41 -26.32 -4.43
C ASP B 368 40.67 -26.93 -3.05
N GLY B 369 39.67 -27.64 -2.51
CA GLY B 369 39.83 -28.37 -1.26
C GLY B 369 40.79 -29.56 -1.40
N ARG B 370 40.65 -30.30 -2.50
CA ARG B 370 41.58 -31.40 -2.78
C ARG B 370 43.00 -30.90 -2.99
N LEU B 371 43.15 -29.81 -3.73
CA LEU B 371 44.47 -29.22 -3.96
C LEU B 371 45.14 -28.81 -2.64
N ASP B 372 44.39 -28.17 -1.77
CA ASP B 372 44.93 -27.75 -0.47
C ASP B 372 45.35 -28.97 0.34
N LEU B 373 44.52 -30.02 0.28
CA LEU B 373 44.80 -31.28 0.97
C LEU B 373 46.05 -31.99 0.44
N LEU B 374 46.16 -32.07 -0.89
CA LEU B 374 47.28 -32.76 -1.52
C LEU B 374 48.58 -31.99 -1.34
N ASN B 375 48.49 -30.66 -1.24
CA ASN B 375 49.67 -29.85 -1.03
C ASN B 375 50.09 -29.75 0.44
N SER B 376 49.63 -30.67 1.26
CA SER B 376 50.07 -30.74 2.65
C SER B 376 50.71 -32.11 2.89
N GLY B 377 49.83 -33.11 2.88
CA GLY B 377 50.13 -34.50 3.15
C GLY B 377 48.69 -34.89 3.39
N GLU B 378 48.34 -36.16 3.62
CA GLU B 378 46.94 -36.53 3.88
C GLU B 378 46.10 -36.22 2.62
N GLY B 379 45.49 -37.20 1.95
CA GLY B 379 45.48 -38.62 2.25
C GLY B 379 45.17 -39.39 0.96
N PHE B 380 43.95 -39.30 0.44
CA PHE B 380 42.87 -38.48 1.00
C PHE B 380 41.91 -39.30 1.85
N SER B 381 41.58 -40.50 1.37
CA SER B 381 40.79 -41.50 2.09
C SER B 381 39.30 -41.15 2.30
N ASP B 382 38.48 -41.47 1.31
CA ASP B 382 37.02 -41.46 1.48
C ASP B 382 36.38 -42.42 0.48
N VAL B 383 35.09 -42.70 0.67
CA VAL B 383 34.38 -43.67 -0.17
C VAL B 383 34.34 -43.23 -1.63
N PHE B 384 34.34 -41.92 -1.87
CA PHE B 384 34.38 -41.40 -3.24
C PHE B 384 35.63 -41.88 -3.97
N GLU B 385 36.80 -41.65 -3.36
CA GLU B 385 38.05 -42.10 -3.95
C GLU B 385 38.12 -43.62 -4.12
N GLU B 386 37.49 -44.36 -3.21
CA GLU B 386 37.42 -45.81 -3.31
C GLU B 386 36.59 -46.22 -4.52
N GLU B 387 35.52 -45.48 -4.76
CA GLU B 387 34.65 -45.72 -5.90
C GLU B 387 35.36 -45.45 -7.24
N ILE B 388 36.16 -44.38 -7.27
CA ILE B 388 36.99 -44.07 -8.46
C ILE B 388 37.98 -45.19 -8.75
N ASN B 389 38.54 -45.77 -7.70
CA ASN B 389 39.54 -46.83 -7.88
C ASN B 389 38.99 -48.07 -8.62
N MET B 390 37.81 -47.91 -9.21
CA MET B 390 37.34 -48.78 -10.29
C MET B 390 37.62 -48.08 -11.64
N GLY B 391 38.81 -47.50 -11.76
CA GLY B 391 39.36 -47.13 -13.04
C GLY B 391 38.84 -45.89 -13.74
N GLU B 392 38.11 -45.02 -13.04
CA GLU B 392 37.61 -43.79 -13.66
C GLU B 392 38.78 -42.85 -13.98
N TYR B 393 39.85 -42.99 -13.20
CA TYR B 393 41.06 -42.21 -13.41
C TYR B 393 42.04 -43.00 -14.27
N ARG C 1 -9.62 6.99 20.34
CA ARG C 1 -8.96 7.22 21.62
C ARG C 1 -9.74 6.60 22.79
N ASP C 2 -10.84 7.23 23.17
CA ASP C 2 -11.61 6.85 24.36
C ASP C 2 -12.80 5.94 24.08
N TYR C 3 -12.73 5.17 22.99
CA TYR C 3 -13.82 4.28 22.61
C TYR C 3 -13.31 3.04 21.91
N ASP C 4 -14.18 2.05 21.75
CA ASP C 4 -13.83 0.81 21.05
C ASP C 4 -14.28 0.82 19.59
N HIS C 5 -15.38 1.52 19.32
CA HIS C 5 -15.94 1.59 17.97
C HIS C 5 -16.45 2.99 17.66
N LEU C 6 -16.12 3.49 16.47
CA LEU C 6 -16.67 4.74 15.95
C LEU C 6 -17.55 4.46 14.74
N PHE C 7 -18.79 4.95 14.79
CA PHE C 7 -19.71 4.80 13.67
C PHE C 7 -20.23 6.16 13.20
N LYS C 8 -20.34 6.31 11.88
CA LYS C 8 -20.89 7.53 11.29
C LYS C 8 -22.31 7.25 10.85
N LEU C 9 -23.24 8.07 11.32
CA LEU C 9 -24.64 7.94 10.99
C LEU C 9 -25.12 9.16 10.25
N LEU C 10 -26.14 8.99 9.42
CA LEU C 10 -26.86 10.08 8.80
C LEU C 10 -28.27 10.08 9.34
N ILE C 11 -28.85 11.26 9.54
CA ILE C 11 -30.28 11.34 9.71
C ILE C 11 -30.84 12.06 8.48
N ILE C 12 -31.87 11.49 7.86
CA ILE C 12 -32.49 12.15 6.72
C ILE C 12 -33.98 12.28 6.94
N GLY C 13 -34.54 13.35 6.39
CA GLY C 13 -35.95 13.64 6.49
C GLY C 13 -36.24 15.07 6.04
N ASP C 14 -37.47 15.33 5.64
CA ASP C 14 -37.90 16.68 5.31
C ASP C 14 -37.62 17.65 6.46
N SER C 15 -37.35 18.91 6.13
CA SER C 15 -37.27 19.95 7.14
C SER C 15 -38.59 19.97 7.92
N GLY C 16 -38.47 20.04 9.25
CA GLY C 16 -39.65 20.15 10.09
C GLY C 16 -40.20 18.85 10.65
N VAL C 17 -39.61 17.71 10.28
CA VAL C 17 -40.10 16.43 10.82
C VAL C 17 -39.59 16.18 12.25
N GLY C 18 -38.59 16.95 12.68
CA GLY C 18 -38.10 16.88 14.05
C GLY C 18 -36.74 16.23 14.18
N LYS C 19 -35.92 16.35 13.12
CA LYS C 19 -34.58 15.76 13.13
C LYS C 19 -33.68 16.42 14.19
N SER C 20 -33.67 17.74 14.25
N SER C 20 -33.69 17.75 14.22
CA SER C 20 -32.83 18.41 15.24
CA SER C 20 -32.91 18.49 15.21
C SER C 20 -33.30 18.08 16.66
C SER C 20 -33.31 18.08 16.63
N SER C 21 -34.61 17.89 16.84
CA SER C 21 -35.15 17.57 18.17
C SER C 21 -34.76 16.15 18.55
N LEU C 22 -34.76 15.26 17.57
CA LEU C 22 -34.27 13.91 17.79
C LEU C 22 -32.79 13.95 18.17
N LEU C 23 -32.00 14.74 17.45
CA LEU C 23 -30.58 14.82 17.72
C LEU C 23 -30.26 15.43 19.08
N LEU C 24 -31.11 16.34 19.56
CA LEU C 24 -30.96 16.87 20.92
C LEU C 24 -31.10 15.78 21.98
N ARG C 25 -32.04 14.87 21.78
CA ARG C 25 -32.14 13.70 22.65
C ARG C 25 -30.90 12.81 22.49
N PHE C 26 -30.38 12.73 21.27
CA PHE C 26 -29.19 11.91 20.93
C PHE C 26 -27.88 12.41 21.59
N ALA C 27 -27.69 13.72 21.60
CA ALA C 27 -26.37 14.31 21.72
C ALA C 27 -25.71 14.28 23.11
N ASP C 28 -24.40 14.15 23.13
CA ASP C 28 -23.59 14.42 24.32
C ASP C 28 -22.96 15.81 24.30
N ASN C 29 -23.06 16.50 23.17
CA ASN C 29 -22.42 17.79 22.98
C ASN C 29 -22.72 18.81 24.09
N THR C 30 -21.69 19.51 24.54
CA THR C 30 -21.84 20.61 25.48
C THR C 30 -22.69 21.72 24.86
N PHE C 31 -22.28 22.21 23.70
CA PHE C 31 -23.11 23.16 22.95
C PHE C 31 -24.18 22.41 22.14
N SER C 32 -25.43 22.75 22.36
CA SER C 32 -26.56 22.04 21.77
C SER C 32 -27.12 22.69 20.50
N GLY C 33 -26.61 23.86 20.13
CA GLY C 33 -27.11 24.58 18.97
C GLY C 33 -26.82 23.86 17.69
N SER C 34 -27.57 24.19 16.64
CA SER C 34 -27.47 23.50 15.36
C SER C 34 -26.86 24.40 14.29
N TYR C 35 -26.07 23.85 13.38
CA TYR C 35 -25.51 24.70 12.32
C TYR C 35 -26.19 24.50 10.98
N ILE C 36 -27.34 23.84 11.02
CA ILE C 36 -28.13 23.64 9.80
C ILE C 36 -28.41 24.97 9.08
N THR C 37 -28.78 26.00 9.82
CA THR C 37 -29.11 27.28 9.17
C THR C 37 -27.90 28.21 9.13
N THR C 38 -26.72 27.64 9.31
CA THR C 38 -25.49 28.40 9.21
C THR C 38 -24.67 27.94 8.01
N ILE C 39 -24.36 26.65 7.98
CA ILE C 39 -23.57 26.11 6.89
C ILE C 39 -24.29 24.95 6.20
N GLY C 40 -25.56 24.74 6.55
CA GLY C 40 -26.41 23.77 5.88
C GLY C 40 -26.09 22.32 6.27
N VAL C 41 -25.33 22.17 7.35
CA VAL C 41 -24.97 20.85 7.87
C VAL C 41 -24.81 20.96 9.41
N ASP C 42 -25.08 19.87 10.12
CA ASP C 42 -24.92 19.82 11.57
C ASP C 42 -24.49 18.41 11.95
N PHE C 43 -23.61 18.28 12.95
CA PHE C 43 -23.37 16.96 13.51
C PHE C 43 -23.46 16.99 15.03
N LYS C 44 -23.89 15.87 15.60
CA LYS C 44 -23.90 15.66 17.06
C LYS C 44 -23.16 14.36 17.37
N ILE C 45 -22.75 14.20 18.62
CA ILE C 45 -21.94 13.07 19.06
C ILE C 45 -22.62 12.40 20.26
N ARG C 46 -22.61 11.07 20.28
CA ARG C 46 -23.04 10.35 21.48
C ARG C 46 -22.05 9.24 21.74
N THR C 47 -21.72 9.02 23.01
CA THR C 47 -20.93 7.85 23.38
C THR C 47 -21.76 7.01 24.34
N VAL C 48 -21.75 5.69 24.11
CA VAL C 48 -22.54 4.76 24.92
C VAL C 48 -21.74 3.47 25.08
N GLU C 49 -21.93 2.82 26.23
CA GLU C 49 -21.26 1.55 26.51
C GLU C 49 -22.27 0.43 26.43
N ILE C 50 -22.07 -0.48 25.50
CA ILE C 50 -23.04 -1.54 25.26
C ILE C 50 -22.35 -2.87 25.49
N ASN C 51 -22.83 -3.59 26.50
CA ASN C 51 -22.22 -4.84 26.90
C ASN C 51 -20.71 -4.71 27.04
N GLY C 52 -20.29 -3.62 27.67
CA GLY C 52 -18.89 -3.40 27.94
C GLY C 52 -18.07 -2.80 26.82
N GLU C 53 -18.69 -2.56 25.66
CA GLU C 53 -17.98 -1.95 24.55
C GLU C 53 -18.32 -0.47 24.42
N LYS C 54 -17.28 0.36 24.44
CA LYS C 54 -17.45 1.80 24.31
C LYS C 54 -17.65 2.17 22.85
N VAL C 55 -18.83 2.72 22.54
CA VAL C 55 -19.19 3.04 21.16
C VAL C 55 -19.38 4.53 20.99
N LYS C 56 -18.74 5.11 19.98
CA LYS C 56 -18.92 6.53 19.70
C LYS C 56 -19.70 6.65 18.39
N LEU C 57 -20.73 7.50 18.38
CA LEU C 57 -21.50 7.73 17.17
C LEU C 57 -21.44 9.21 16.77
N GLN C 58 -21.17 9.45 15.49
CA GLN C 58 -21.39 10.76 14.88
C GLN C 58 -22.70 10.71 14.13
N ILE C 59 -23.57 11.69 14.28
CA ILE C 59 -24.72 11.74 13.40
C ILE C 59 -24.76 13.08 12.66
N TRP C 60 -24.93 12.99 11.34
CA TRP C 60 -24.90 14.17 10.46
C TRP C 60 -26.23 14.43 9.78
N ASP C 61 -26.60 15.71 9.71
CA ASP C 61 -27.82 16.16 9.05
C ASP C 61 -27.45 17.25 8.04
N THR C 62 -28.24 17.44 6.99
CA THR C 62 -28.04 18.60 6.11
C THR C 62 -29.37 19.30 5.82
N ALA C 63 -29.26 20.55 5.39
CA ALA C 63 -30.43 21.41 5.11
C ALA C 63 -31.25 21.03 3.87
N GLY C 64 -32.55 21.33 3.91
CA GLY C 64 -33.40 21.31 2.73
C GLY C 64 -33.56 20.00 2.01
N GLN C 65 -33.54 18.90 2.76
CA GLN C 65 -33.54 17.58 2.13
C GLN C 65 -34.87 17.28 1.44
N GLU C 66 -35.91 18.00 1.82
CA GLU C 66 -37.23 17.78 1.22
C GLU C 66 -37.24 18.08 -0.27
N ARG C 67 -36.24 18.83 -0.76
CA ARG C 67 -36.17 19.15 -2.20
C ARG C 67 -35.60 18.00 -3.00
N PHE C 68 -34.98 17.06 -2.31
CA PHE C 68 -34.48 15.84 -2.94
C PHE C 68 -35.58 14.80 -3.05
N ARG C 69 -36.21 14.67 -4.22
CA ARG C 69 -37.23 13.63 -4.41
C ARG C 69 -36.61 12.27 -4.23
N THR C 70 -35.35 12.17 -4.64
CA THR C 70 -34.53 11.00 -4.40
C THR C 70 -33.18 11.46 -3.90
N ILE C 71 -32.72 10.93 -2.77
CA ILE C 71 -31.34 11.15 -2.34
C ILE C 71 -30.46 10.04 -2.90
N THR C 72 -29.45 10.41 -3.69
CA THR C 72 -28.68 9.42 -4.45
C THR C 72 -27.51 8.85 -3.65
N SER C 73 -26.86 7.83 -4.20
CA SER C 73 -25.95 7.00 -3.40
C SER C 73 -24.66 7.71 -2.98
N THR C 74 -24.25 8.77 -3.69
CA THR C 74 -23.01 9.47 -3.29
C THR C 74 -23.13 10.09 -1.89
N TYR C 75 -24.35 10.36 -1.49
CA TYR C 75 -24.62 10.97 -0.18
C TYR C 75 -24.17 10.06 0.97
N TYR C 76 -24.24 8.75 0.74
CA TYR C 76 -24.10 7.74 1.80
C TYR C 76 -22.70 7.14 1.89
N ARG C 77 -21.80 7.56 1.02
CA ARG C 77 -20.41 7.09 1.05
C ARG C 77 -19.78 7.31 2.43
N GLY C 78 -19.22 6.25 3.03
CA GLY C 78 -18.54 6.40 4.29
C GLY C 78 -19.44 6.35 5.51
N THR C 79 -20.74 6.20 5.29
CA THR C 79 -21.70 6.15 6.40
C THR C 79 -22.08 4.70 6.75
N HIS C 80 -22.20 4.43 8.04
CA HIS C 80 -22.48 3.06 8.50
C HIS C 80 -23.97 2.78 8.61
N GLY C 81 -24.76 3.81 8.95
CA GLY C 81 -26.17 3.63 9.15
C GLY C 81 -26.96 4.91 8.94
N VAL C 82 -28.23 4.76 8.61
CA VAL C 82 -29.09 5.90 8.32
C VAL C 82 -30.37 5.85 9.11
N ILE C 83 -30.70 6.96 9.74
CA ILE C 83 -31.98 7.12 10.41
C ILE C 83 -32.93 7.90 9.49
N VAL C 84 -33.97 7.23 9.00
CA VAL C 84 -34.87 7.81 8.01
C VAL C 84 -36.17 8.26 8.66
N VAL C 85 -36.37 9.57 8.70
CA VAL C 85 -37.43 10.19 9.49
C VAL C 85 -38.53 10.85 8.66
N TYR C 86 -39.77 10.49 8.94
CA TYR C 86 -40.93 11.23 8.47
C TYR C 86 -41.72 11.73 9.69
N ASP C 87 -42.72 12.55 9.41
CA ASP C 87 -43.58 13.15 10.42
C ASP C 87 -44.93 12.47 10.27
N VAL C 88 -45.41 11.80 11.33
CA VAL C 88 -46.67 11.04 11.21
C VAL C 88 -47.86 11.95 10.86
N THR C 89 -47.69 13.27 10.99
CA THR C 89 -48.77 14.20 10.67
C THR C 89 -48.60 14.85 9.29
N SER C 90 -47.63 14.36 8.53
CA SER C 90 -47.37 14.90 7.20
C SER C 90 -47.23 13.78 6.17
N ALA C 91 -48.27 13.61 5.37
CA ALA C 91 -48.28 12.61 4.30
C ALA C 91 -47.09 12.78 3.34
N GLU C 92 -46.84 14.00 2.91
CA GLU C 92 -45.74 14.29 1.98
C GLU C 92 -44.37 13.86 2.50
N SER C 93 -44.15 13.94 3.82
CA SER C 93 -42.86 13.57 4.40
C SER C 93 -42.65 12.07 4.25
N PHE C 94 -43.75 11.32 4.32
CA PHE C 94 -43.70 9.87 4.20
C PHE C 94 -43.46 9.41 2.76
N VAL C 95 -44.06 10.10 1.78
CA VAL C 95 -43.86 9.68 0.40
C VAL C 95 -42.40 9.88 -0.02
N ASN C 96 -41.76 10.93 0.51
CA ASN C 96 -40.35 11.17 0.23
C ASN C 96 -39.49 10.04 0.81
N VAL C 97 -39.69 9.68 2.08
CA VAL C 97 -38.81 8.65 2.67
C VAL C 97 -38.99 7.30 1.98
N LYS C 98 -40.16 7.05 1.40
CA LYS C 98 -40.36 5.79 0.68
C LYS C 98 -39.50 5.77 -0.58
N ARG C 99 -39.45 6.88 -1.30
CA ARG C 99 -38.56 6.96 -2.45
C ARG C 99 -37.11 6.78 -2.01
N TRP C 100 -36.74 7.44 -0.91
CA TRP C 100 -35.37 7.38 -0.41
C TRP C 100 -34.96 5.96 -0.04
N LEU C 101 -35.88 5.26 0.61
CA LEU C 101 -35.61 3.90 1.04
C LEU C 101 -35.54 2.92 -0.14
N HIS C 102 -36.33 3.14 -1.19
CA HIS C 102 -36.13 2.31 -2.40
C HIS C 102 -34.79 2.54 -3.06
N GLU C 103 -34.29 3.77 -3.00
CA GLU C 103 -33.02 4.10 -3.63
C GLU C 103 -31.89 3.45 -2.85
N ILE C 104 -32.00 3.48 -1.52
CA ILE C 104 -31.03 2.81 -0.65
C ILE C 104 -31.02 1.31 -0.90
N ASN C 105 -32.20 0.72 -1.01
CA ASN C 105 -32.32 -0.72 -1.29
C ASN C 105 -31.60 -1.08 -2.60
N GLN C 106 -31.79 -0.26 -3.62
CA GLN C 106 -31.24 -0.55 -4.94
C GLN C 106 -29.75 -0.20 -5.07
N ASN C 107 -29.32 0.88 -4.43
CA ASN C 107 -27.96 1.38 -4.66
C ASN C 107 -27.01 1.41 -3.47
N CYS C 108 -27.54 1.30 -2.24
CA CYS C 108 -26.70 1.29 -1.03
C CYS C 108 -27.17 0.22 -0.05
N ASP C 109 -27.40 -0.99 -0.52
CA ASP C 109 -28.01 -1.99 0.32
C ASP C 109 -27.16 -2.38 1.54
N ASP C 110 -25.88 -2.02 1.51
CA ASP C 110 -24.96 -2.35 2.59
C ASP C 110 -25.11 -1.45 3.82
N VAL C 111 -25.78 -0.31 3.67
CA VAL C 111 -25.93 0.61 4.80
C VAL C 111 -27.06 0.18 5.70
N CYS C 112 -26.84 0.21 7.01
CA CYS C 112 -27.91 -0.08 7.95
C CYS C 112 -28.91 1.05 7.90
N ARG C 113 -30.20 0.73 8.03
CA ARG C 113 -31.22 1.77 8.00
C ARG C 113 -32.44 1.38 8.85
N ILE C 114 -33.03 2.37 9.51
CA ILE C 114 -34.32 2.22 10.17
C ILE C 114 -35.28 3.34 9.77
N LEU C 115 -36.58 3.07 9.90
CA LEU C 115 -37.62 4.01 9.53
C LEU C 115 -38.22 4.55 10.82
N VAL C 116 -38.38 5.87 10.87
CA VAL C 116 -38.87 6.56 12.06
C VAL C 116 -40.01 7.53 11.77
N GLY C 117 -41.16 7.29 12.38
CA GLY C 117 -42.28 8.21 12.31
C GLY C 117 -42.37 9.12 13.53
N ASN C 118 -41.86 10.33 13.41
CA ASN C 118 -41.78 11.22 14.57
C ASN C 118 -43.06 12.01 14.75
N LYS C 119 -43.18 12.64 15.91
CA LYS C 119 -44.34 13.49 16.28
C LYS C 119 -45.57 12.62 16.51
N ASN C 120 -45.35 11.41 16.99
CA ASN C 120 -46.43 10.49 17.31
C ASN C 120 -47.00 10.80 18.69
N ASP C 121 -47.61 11.98 18.84
CA ASP C 121 -48.08 12.44 20.15
C ASP C 121 -49.36 13.26 20.04
N ASP C 122 -50.09 13.07 18.96
CA ASP C 122 -51.36 13.75 18.78
C ASP C 122 -52.23 13.03 17.76
N PRO C 123 -53.08 12.10 18.24
CA PRO C 123 -53.95 11.25 17.42
C PRO C 123 -54.78 12.03 16.39
N GLU C 124 -55.27 13.20 16.78
CA GLU C 124 -56.16 13.96 15.92
C GLU C 124 -55.45 14.51 14.67
N ARG C 125 -54.13 14.72 14.78
CA ARG C 125 -53.37 15.26 13.66
C ARG C 125 -52.59 14.19 12.91
N LYS C 126 -52.68 12.94 13.38
CA LYS C 126 -51.95 11.85 12.74
C LYS C 126 -52.54 11.49 11.38
N VAL C 127 -51.70 11.50 10.35
CA VAL C 127 -52.16 11.25 8.99
C VAL C 127 -51.59 9.94 8.45
N VAL C 128 -50.34 9.65 8.76
CA VAL C 128 -49.70 8.41 8.34
C VAL C 128 -49.96 7.35 9.39
N GLU C 129 -50.90 6.46 9.12
CA GLU C 129 -51.29 5.50 10.14
C GLU C 129 -50.22 4.41 10.28
N THR C 130 -50.05 3.94 11.51
CA THR C 130 -49.08 2.89 11.83
C THR C 130 -49.07 1.72 10.87
N GLU C 131 -50.26 1.25 10.49
CA GLU C 131 -50.38 0.08 9.63
C GLU C 131 -49.65 0.27 8.30
N ASP C 132 -49.82 1.43 7.70
CA ASP C 132 -49.25 1.70 6.40
C ASP C 132 -47.73 1.85 6.45
N ALA C 133 -47.23 2.48 7.51
CA ALA C 133 -45.79 2.62 7.67
C ALA C 133 -45.17 1.26 8.03
N TYR C 134 -45.85 0.52 8.89
CA TYR C 134 -45.41 -0.81 9.28
C TYR C 134 -45.38 -1.78 8.10
N LYS C 135 -46.40 -1.69 7.24
CA LYS C 135 -46.43 -2.52 6.05
C LYS C 135 -45.26 -2.16 5.14
N PHE C 136 -45.00 -0.87 4.97
CA PHE C 136 -43.90 -0.46 4.12
C PHE C 136 -42.57 -0.94 4.69
N ALA C 137 -42.42 -0.85 6.01
CA ALA C 137 -41.21 -1.31 6.68
C ALA C 137 -40.96 -2.78 6.43
N GLY C 138 -42.02 -3.56 6.49
CA GLY C 138 -41.91 -5.00 6.28
C GLY C 138 -41.47 -5.31 4.86
N GLN C 139 -42.09 -4.65 3.89
CA GLN C 139 -41.73 -4.84 2.49
C GLN C 139 -40.25 -4.58 2.23
N MET C 140 -39.71 -3.56 2.90
CA MET C 140 -38.31 -3.17 2.73
C MET C 140 -37.38 -3.92 3.66
N GLY C 141 -37.94 -4.74 4.55
CA GLY C 141 -37.13 -5.55 5.44
C GLY C 141 -36.42 -4.76 6.51
N ILE C 142 -37.03 -3.65 6.92
CA ILE C 142 -36.42 -2.77 7.91
C ILE C 142 -37.36 -2.56 9.08
N GLN C 143 -36.86 -2.01 10.17
CA GLN C 143 -37.68 -1.79 11.35
C GLN C 143 -38.28 -0.38 11.40
N LEU C 144 -39.48 -0.29 11.95
CA LEU C 144 -40.18 0.97 12.14
C LEU C 144 -40.24 1.38 13.61
N PHE C 145 -39.91 2.64 13.89
CA PHE C 145 -40.06 3.22 15.22
C PHE C 145 -40.91 4.48 15.13
N GLU C 146 -42.06 4.48 15.80
CA GLU C 146 -42.85 5.69 15.93
C GLU C 146 -42.45 6.39 17.21
N THR C 147 -42.06 7.65 17.11
CA THR C 147 -41.44 8.34 18.23
C THR C 147 -42.10 9.69 18.52
N SER C 148 -41.82 10.21 19.70
CA SER C 148 -42.10 11.61 19.98
C SER C 148 -40.84 12.21 20.61
N ALA C 149 -40.10 12.98 19.82
CA ALA C 149 -38.94 13.69 20.35
C ALA C 149 -39.43 14.67 21.42
N LYS C 150 -40.62 15.20 21.18
CA LYS C 150 -41.22 16.18 22.07
C LYS C 150 -41.48 15.60 23.47
N GLU C 151 -42.08 14.42 23.53
CA GLU C 151 -42.43 13.78 24.80
C GLU C 151 -41.34 12.82 25.27
N ASN C 152 -40.35 12.60 24.41
CA ASN C 152 -39.25 11.67 24.64
C ASN C 152 -39.77 10.24 24.85
N VAL C 153 -40.57 9.80 23.88
CA VAL C 153 -41.12 8.45 23.89
C VAL C 153 -40.55 7.65 22.73
N ASN C 154 -40.00 6.48 23.04
CA ASN C 154 -39.48 5.54 22.06
C ASN C 154 -38.27 6.07 21.27
N VAL C 155 -37.71 7.19 21.71
CA VAL C 155 -36.53 7.78 21.12
C VAL C 155 -35.28 6.98 21.48
N GLU C 156 -35.11 6.68 22.76
CA GLU C 156 -33.95 5.91 23.20
C GLU C 156 -33.91 4.55 22.52
N GLU C 157 -35.07 3.94 22.39
CA GLU C 157 -35.20 2.60 21.81
C GLU C 157 -34.82 2.66 20.34
N MET C 158 -35.25 3.74 19.69
CA MET C 158 -34.97 3.93 18.27
C MET C 158 -33.47 4.06 18.04
N PHE C 159 -32.82 4.90 18.83
CA PHE C 159 -31.38 5.08 18.73
C PHE C 159 -30.61 3.82 19.09
N ASN C 160 -31.06 3.10 20.11
CA ASN C 160 -30.40 1.85 20.47
C ASN C 160 -30.42 0.86 19.31
N CYS C 161 -31.54 0.80 18.59
CA CYS C 161 -31.67 -0.12 17.49
C CYS C 161 -30.66 0.14 16.38
N ILE C 162 -30.56 1.39 15.91
CA ILE C 162 -29.65 1.67 14.79
C ILE C 162 -28.21 1.50 15.27
N THR C 163 -27.96 1.84 16.53
CA THR C 163 -26.65 1.63 17.10
C THR C 163 -26.27 0.13 17.12
N GLU C 164 -27.20 -0.70 17.60
CA GLU C 164 -26.95 -2.14 17.65
C GLU C 164 -26.84 -2.76 16.25
N LEU C 165 -27.59 -2.22 15.28
CA LEU C 165 -27.49 -2.69 13.89
C LEU C 165 -26.11 -2.46 13.30
N VAL C 166 -25.60 -1.23 13.44
CA VAL C 166 -24.29 -0.95 12.88
C VAL C 166 -23.16 -1.71 13.62
N LEU C 167 -23.35 -1.95 14.92
CA LEU C 167 -22.40 -2.72 15.70
C LEU C 167 -22.37 -4.16 15.19
N ARG C 168 -23.55 -4.74 14.95
CA ARG C 168 -23.66 -6.11 14.46
C ARG C 168 -23.08 -6.25 13.06
N ALA C 169 -23.33 -5.25 12.22
CA ALA C 169 -22.81 -5.24 10.87
C ALA C 169 -21.29 -5.27 10.90
N LYS C 170 -20.70 -4.48 11.80
CA LYS C 170 -19.24 -4.45 11.91
C LYS C 170 -18.71 -5.81 12.33
N LYS C 171 -19.40 -6.43 13.29
CA LYS C 171 -18.94 -7.73 13.77
C LYS C 171 -19.16 -8.82 12.73
N ASP C 172 -20.31 -8.81 12.04
CA ASP C 172 -20.57 -9.81 11.00
C ASP C 172 -19.58 -9.72 9.85
N ASN C 173 -19.17 -8.51 9.50
CA ASN C 173 -18.24 -8.33 8.38
C ASN C 173 -16.82 -8.65 8.82
N LEU C 174 -16.51 -8.44 10.09
CA LEU C 174 -15.21 -8.84 10.62
C LEU C 174 -15.08 -10.35 10.53
N ALA C 175 -16.18 -11.05 10.80
CA ALA C 175 -16.21 -12.50 10.63
C ALA C 175 -16.43 -12.84 9.15
N LYS C 176 -15.38 -12.67 8.35
CA LYS C 176 -15.41 -12.96 6.92
C LYS C 176 -16.45 -12.13 6.19
N ASP D 2 5.21 0.14 -9.98
CA ASP D 2 5.40 0.81 -11.27
C ASP D 2 6.83 1.31 -11.43
N TYR D 3 7.61 0.63 -12.27
CA TYR D 3 8.97 1.05 -12.57
C TYR D 3 9.19 1.03 -14.07
N ASP D 4 10.19 1.78 -14.54
CA ASP D 4 10.56 1.75 -15.95
C ASP D 4 11.63 0.70 -16.21
N HIS D 5 12.50 0.49 -15.22
CA HIS D 5 13.53 -0.54 -15.34
C HIS D 5 13.76 -1.23 -14.00
N LEU D 6 14.04 -2.54 -14.05
CA LEU D 6 14.46 -3.31 -12.88
C LEU D 6 15.79 -3.96 -13.15
N PHE D 7 16.76 -3.72 -12.28
CA PHE D 7 18.08 -4.33 -12.45
C PHE D 7 18.45 -5.13 -11.21
N LYS D 8 19.01 -6.31 -11.43
CA LYS D 8 19.57 -7.09 -10.34
C LYS D 8 21.08 -6.92 -10.30
N LEU D 9 21.58 -6.48 -9.16
CA LEU D 9 23.01 -6.33 -8.96
C LEU D 9 23.49 -7.32 -7.90
N LEU D 10 24.73 -7.78 -8.04
CA LEU D 10 25.41 -8.55 -7.02
C LEU D 10 26.49 -7.69 -6.39
N ILE D 11 26.67 -7.79 -5.07
CA ILE D 11 27.87 -7.22 -4.47
C ILE D 11 28.69 -8.41 -3.97
N ILE D 12 29.97 -8.44 -4.32
CA ILE D 12 30.83 -9.53 -3.89
C ILE D 12 32.09 -8.95 -3.28
N GLY D 13 32.68 -9.71 -2.37
CA GLY D 13 33.81 -9.26 -1.60
C GLY D 13 33.97 -10.17 -0.39
N ASP D 14 35.17 -10.25 0.15
CA ASP D 14 35.40 -11.04 1.36
C ASP D 14 34.55 -10.50 2.49
N SER D 15 34.17 -11.36 3.42
CA SER D 15 33.47 -10.91 4.62
C SER D 15 34.29 -9.82 5.30
N GLY D 16 33.63 -8.76 5.75
CA GLY D 16 34.32 -7.72 6.49
C GLY D 16 34.93 -6.58 5.67
N VAL D 17 34.81 -6.61 4.35
CA VAL D 17 35.37 -5.53 3.53
C VAL D 17 34.49 -4.30 3.57
N GLY D 18 33.24 -4.47 4.01
CA GLY D 18 32.31 -3.37 4.15
C GLY D 18 31.16 -3.38 3.15
N LYS D 19 30.79 -4.56 2.68
CA LYS D 19 29.69 -4.67 1.71
C LYS D 19 28.35 -4.17 2.26
N SER D 20 27.98 -4.62 3.45
CA SER D 20 26.68 -4.21 4.01
C SER D 20 26.69 -2.72 4.33
N SER D 21 27.85 -2.22 4.73
CA SER D 21 27.99 -0.80 5.05
C SER D 21 27.86 0.07 3.81
N LEU D 22 28.40 -0.41 2.70
CA LEU D 22 28.22 0.30 1.44
C LEU D 22 26.76 0.33 1.06
N LEU D 23 26.08 -0.82 1.17
CA LEU D 23 24.70 -0.92 0.76
C LEU D 23 23.74 -0.06 1.59
N LEU D 24 24.02 0.06 2.89
CA LEU D 24 23.22 0.93 3.74
C LEU D 24 23.17 2.37 3.22
N ARG D 25 24.23 2.83 2.56
CA ARG D 25 24.26 4.19 2.01
C ARG D 25 23.41 4.33 0.76
N PHE D 26 22.95 3.20 0.21
CA PHE D 26 22.28 3.24 -1.08
C PHE D 26 20.83 2.77 -0.99
N ALA D 27 20.57 1.88 -0.05
CA ALA D 27 19.28 1.20 0.03
C ALA D 27 18.13 2.11 0.43
N ASP D 28 16.94 1.77 -0.06
CA ASP D 28 15.68 2.37 0.36
C ASP D 28 15.05 1.71 1.58
N ASN D 29 15.40 0.45 1.83
CA ASN D 29 14.64 -0.42 2.74
C ASN D 29 14.21 0.25 4.04
N THR D 30 12.94 0.09 4.41
CA THR D 30 12.44 0.60 5.66
C THR D 30 13.17 -0.09 6.81
N PHE D 31 13.33 -1.41 6.68
CA PHE D 31 14.12 -2.19 7.62
C PHE D 31 15.53 -2.34 7.08
N SER D 32 16.53 -1.91 7.84
CA SER D 32 17.90 -1.84 7.36
C SER D 32 18.73 -3.04 7.77
N GLY D 33 18.13 -3.98 8.50
CA GLY D 33 18.86 -5.13 9.00
C GLY D 33 19.33 -6.04 7.87
N SER D 34 20.31 -6.88 8.15
CA SER D 34 20.83 -7.84 7.18
C SER D 34 20.41 -9.28 7.52
N TYR D 35 20.18 -10.10 6.50
CA TYR D 35 19.82 -11.50 6.69
C TYR D 35 20.93 -12.47 6.31
N ILE D 36 22.13 -11.93 6.10
CA ILE D 36 23.26 -12.75 5.68
C ILE D 36 23.69 -13.72 6.81
N THR D 37 23.48 -13.37 8.07
CA THR D 37 23.78 -14.30 9.16
C THR D 37 22.51 -15.00 9.66
N THR D 38 21.47 -14.91 8.85
CA THR D 38 20.25 -15.67 9.09
C THR D 38 20.12 -16.75 8.02
N ILE D 39 20.03 -16.35 6.75
CA ILE D 39 19.88 -17.32 5.68
C ILE D 39 21.03 -17.30 4.67
N GLY D 40 22.12 -16.59 4.99
CA GLY D 40 23.30 -16.67 4.18
C GLY D 40 23.16 -15.86 2.89
N VAL D 41 22.16 -14.99 2.87
CA VAL D 41 21.88 -14.14 1.71
C VAL D 41 21.16 -12.89 2.22
N ASP D 42 21.35 -11.78 1.52
CA ASP D 42 20.71 -10.53 1.85
C ASP D 42 20.41 -9.78 0.57
N PHE D 43 19.26 -9.10 0.49
CA PHE D 43 19.10 -8.13 -0.59
C PHE D 43 18.65 -6.80 -0.03
N LYS D 44 18.99 -5.75 -0.77
CA LYS D 44 18.47 -4.41 -0.50
C LYS D 44 17.91 -3.88 -1.82
N ILE D 45 17.00 -2.91 -1.72
CA ILE D 45 16.37 -2.33 -2.90
C ILE D 45 16.64 -0.82 -2.88
N ARG D 46 16.77 -0.23 -4.06
CA ARG D 46 16.78 1.23 -4.20
C ARG D 46 15.91 1.57 -5.38
N THR D 47 14.94 2.45 -5.17
CA THR D 47 14.14 2.97 -6.28
C THR D 47 14.50 4.43 -6.44
N VAL D 48 14.91 4.82 -7.64
CA VAL D 48 15.41 6.15 -7.85
C VAL D 48 15.09 6.62 -9.27
N GLU D 49 14.66 7.87 -9.39
CA GLU D 49 14.42 8.46 -10.70
C GLU D 49 15.75 8.89 -11.30
N ILE D 50 16.07 8.37 -12.49
CA ILE D 50 17.31 8.73 -13.15
C ILE D 50 17.05 9.14 -14.59
N ASN D 51 17.48 10.33 -14.98
CA ASN D 51 17.22 10.85 -16.32
C ASN D 51 15.76 10.63 -16.72
N GLY D 52 14.85 10.93 -15.80
CA GLY D 52 13.43 10.91 -16.07
C GLY D 52 12.77 9.54 -16.08
N GLU D 53 13.52 8.50 -15.71
CA GLU D 53 12.98 7.15 -15.64
C GLU D 53 13.04 6.63 -14.22
N LYS D 54 12.03 5.84 -13.84
CA LYS D 54 11.98 5.23 -12.52
C LYS D 54 12.72 3.90 -12.55
N VAL D 55 13.83 3.83 -11.83
CA VAL D 55 14.70 2.67 -11.87
C VAL D 55 14.66 1.95 -10.53
N LYS D 56 14.46 0.63 -10.59
CA LYS D 56 14.47 -0.18 -9.37
C LYS D 56 15.69 -1.10 -9.42
N LEU D 57 16.47 -1.09 -8.35
CA LEU D 57 17.68 -1.88 -8.29
C LEU D 57 17.57 -2.84 -7.12
N GLN D 58 17.81 -4.12 -7.37
CA GLN D 58 17.96 -5.08 -6.27
C GLN D 58 19.43 -5.42 -6.14
N ILE D 59 19.96 -5.36 -4.94
CA ILE D 59 21.36 -5.68 -4.75
C ILE D 59 21.47 -6.86 -3.79
N TRP D 60 22.15 -7.91 -4.25
CA TRP D 60 22.18 -9.18 -3.51
C TRP D 60 23.58 -9.55 -3.03
N ASP D 61 23.66 -10.08 -1.82
CA ASP D 61 24.94 -10.47 -1.22
C ASP D 61 24.77 -11.86 -0.61
N THR D 62 25.84 -12.64 -0.54
CA THR D 62 25.80 -13.96 0.12
C THR D 62 26.97 -14.12 1.07
N ALA D 63 26.81 -15.04 2.01
CA ALA D 63 27.78 -15.20 3.10
C ALA D 63 29.06 -15.93 2.70
N GLY D 64 30.15 -15.58 3.36
CA GLY D 64 31.38 -16.33 3.30
C GLY D 64 32.03 -16.41 1.93
N GLN D 65 31.95 -15.33 1.16
CA GLN D 65 32.48 -15.39 -0.19
C GLN D 65 34.01 -15.49 -0.21
N GLU D 66 34.66 -15.19 0.91
CA GLU D 66 36.12 -15.25 0.94
C GLU D 66 36.65 -16.68 0.77
N ARG D 67 35.80 -17.68 1.00
CA ARG D 67 36.21 -19.08 0.86
C ARG D 67 36.22 -19.50 -0.60
N PHE D 68 35.57 -18.69 -1.43
CA PHE D 68 35.59 -18.89 -2.87
C PHE D 68 36.86 -18.29 -3.46
N ARG D 69 37.88 -19.10 -3.69
CA ARG D 69 39.09 -18.64 -4.36
C ARG D 69 38.73 -18.09 -5.73
N THR D 70 37.75 -18.73 -6.34
CA THR D 70 37.18 -18.30 -7.58
C THR D 70 35.68 -18.42 -7.53
N ILE D 71 34.97 -17.34 -7.83
CA ILE D 71 33.52 -17.42 -7.98
C ILE D 71 33.25 -17.74 -9.44
N THR D 72 32.54 -18.84 -9.68
CA THR D 72 32.33 -19.33 -11.03
C THR D 72 31.09 -18.73 -11.66
N SER D 73 30.96 -18.92 -12.98
CA SER D 73 29.99 -18.17 -13.75
C SER D 73 28.54 -18.45 -13.38
N THR D 74 28.22 -19.61 -12.81
CA THR D 74 26.81 -19.88 -12.52
C THR D 74 26.25 -18.87 -11.51
N TYR D 75 27.13 -18.31 -10.69
CA TYR D 75 26.72 -17.35 -9.66
C TYR D 75 26.05 -16.14 -10.30
N TYR D 76 26.53 -15.79 -11.49
CA TYR D 76 26.13 -14.54 -12.13
C TYR D 76 24.94 -14.61 -13.05
N ARG D 77 24.32 -15.78 -13.20
CA ARG D 77 23.17 -15.87 -14.13
C ARG D 77 22.05 -14.92 -13.71
N GLY D 78 21.52 -14.16 -14.66
CA GLY D 78 20.39 -13.28 -14.40
C GLY D 78 20.76 -11.96 -13.72
N THR D 79 22.04 -11.74 -13.48
CA THR D 79 22.49 -10.50 -12.87
C THR D 79 22.99 -9.50 -13.94
N HIS D 80 22.60 -8.24 -13.80
CA HIS D 80 22.95 -7.23 -14.79
C HIS D 80 24.32 -6.62 -14.53
N GLY D 81 24.67 -6.46 -13.26
CA GLY D 81 25.94 -5.81 -12.93
C GLY D 81 26.46 -6.29 -11.59
N VAL D 82 27.77 -6.17 -11.39
CA VAL D 82 28.41 -6.65 -10.19
C VAL D 82 29.29 -5.58 -9.58
N ILE D 83 29.13 -5.36 -8.28
CA ILE D 83 30.03 -4.50 -7.55
C ILE D 83 31.08 -5.36 -6.85
N VAL D 84 32.34 -5.27 -7.28
CA VAL D 84 33.40 -6.14 -6.77
C VAL D 84 34.26 -5.40 -5.77
N VAL D 85 34.14 -5.80 -4.50
CA VAL D 85 34.72 -5.00 -3.41
C VAL D 85 35.91 -5.64 -2.72
N TYR D 86 37.00 -4.89 -2.59
CA TYR D 86 38.06 -5.27 -1.67
C TYR D 86 38.22 -4.23 -0.56
N ASP D 87 39.13 -4.51 0.36
CA ASP D 87 39.43 -3.64 1.48
C ASP D 87 40.87 -3.14 1.29
N VAL D 88 41.06 -1.83 1.14
CA VAL D 88 42.40 -1.31 0.80
C VAL D 88 43.41 -1.57 1.93
N THR D 89 42.91 -1.97 3.09
CA THR D 89 43.80 -2.31 4.20
C THR D 89 44.09 -3.82 4.23
N SER D 90 43.50 -4.55 3.28
CA SER D 90 43.70 -6.00 3.23
C SER D 90 44.20 -6.46 1.86
N ALA D 91 45.45 -6.93 1.84
CA ALA D 91 46.05 -7.39 0.59
C ALA D 91 45.34 -8.63 0.07
N GLU D 92 44.95 -9.54 0.97
CA GLU D 92 44.33 -10.79 0.54
C GLU D 92 42.91 -10.60 0.00
N SER D 93 42.23 -9.55 0.43
CA SER D 93 40.91 -9.27 -0.12
C SER D 93 41.06 -8.83 -1.57
N PHE D 94 42.17 -8.16 -1.88
CA PHE D 94 42.45 -7.72 -3.23
C PHE D 94 42.88 -8.90 -4.12
N VAL D 95 43.69 -9.81 -3.58
CA VAL D 95 44.08 -11.02 -4.31
C VAL D 95 42.85 -11.78 -4.83
N ASN D 96 41.90 -12.00 -3.95
CA ASN D 96 40.64 -12.67 -4.28
C ASN D 96 39.88 -11.98 -5.40
N VAL D 97 39.64 -10.68 -5.29
CA VAL D 97 38.82 -10.00 -6.31
C VAL D 97 39.51 -9.98 -7.68
N LYS D 98 40.83 -9.98 -7.71
CA LYS D 98 41.53 -10.12 -9.00
C LYS D 98 41.24 -11.47 -9.66
N ARG D 99 41.26 -12.56 -8.89
CA ARG D 99 40.86 -13.88 -9.41
C ARG D 99 39.42 -13.86 -9.91
N TRP D 100 38.54 -13.27 -9.11
CA TRP D 100 37.12 -13.20 -9.48
C TRP D 100 36.90 -12.43 -10.80
N LEU D 101 37.62 -11.33 -10.95
CA LEU D 101 37.45 -10.48 -12.11
C LEU D 101 38.06 -11.11 -13.38
N HIS D 102 39.11 -11.89 -13.22
CA HIS D 102 39.65 -12.67 -14.34
C HIS D 102 38.63 -13.71 -14.80
N GLU D 103 38.00 -14.38 -13.83
CA GLU D 103 37.02 -15.42 -14.13
C GLU D 103 35.80 -14.83 -14.81
N ILE D 104 35.39 -13.64 -14.39
CA ILE D 104 34.29 -12.95 -15.04
C ILE D 104 34.65 -12.58 -16.48
N ASN D 105 35.86 -12.05 -16.66
CA ASN D 105 36.35 -11.69 -17.98
C ASN D 105 36.29 -12.87 -18.95
N GLN D 106 36.67 -14.05 -18.45
CA GLN D 106 36.75 -15.25 -19.25
C GLN D 106 35.40 -15.96 -19.46
N ASN D 107 34.46 -15.81 -18.52
CA ASN D 107 33.24 -16.61 -18.58
C ASN D 107 31.90 -15.86 -18.54
N CYS D 108 31.85 -14.65 -17.99
CA CYS D 108 30.61 -13.87 -18.02
C CYS D 108 30.93 -12.46 -18.44
N ASP D 109 31.58 -12.27 -19.59
CA ASP D 109 32.09 -10.96 -19.95
C ASP D 109 30.96 -9.96 -20.20
N ASP D 110 29.75 -10.46 -20.40
CA ASP D 110 28.64 -9.59 -20.71
C ASP D 110 28.07 -8.87 -19.46
N VAL D 111 28.42 -9.34 -18.27
CA VAL D 111 27.95 -8.65 -17.07
C VAL D 111 28.71 -7.33 -16.79
N CYS D 112 27.99 -6.26 -16.48
CA CYS D 112 28.66 -5.03 -16.05
C CYS D 112 29.34 -5.22 -14.71
N ARG D 113 30.46 -4.52 -14.50
CA ARG D 113 31.15 -4.66 -13.23
C ARG D 113 32.11 -3.51 -13.00
N ILE D 114 32.25 -3.13 -11.73
CA ILE D 114 33.22 -2.14 -11.31
C ILE D 114 34.04 -2.66 -10.13
N LEU D 115 35.22 -2.09 -9.95
CA LEU D 115 36.07 -2.44 -8.83
C LEU D 115 35.99 -1.36 -7.76
N VAL D 116 35.85 -1.79 -6.51
CA VAL D 116 35.68 -0.88 -5.37
C VAL D 116 36.69 -1.20 -4.26
N GLY D 117 37.57 -0.24 -3.96
CA GLY D 117 38.45 -0.37 -2.83
C GLY D 117 37.87 0.37 -1.63
N ASN D 118 37.23 -0.36 -0.71
CA ASN D 118 36.60 0.28 0.45
C ASN D 118 37.55 0.46 1.64
N LYS D 119 37.13 1.26 2.62
CA LYS D 119 37.90 1.56 3.85
C LYS D 119 39.10 2.43 3.54
N ASN D 120 38.98 3.25 2.50
CA ASN D 120 40.05 4.14 2.12
C ASN D 120 39.99 5.40 2.98
N ASP D 121 40.23 5.23 4.28
CA ASP D 121 40.12 6.33 5.24
C ASP D 121 41.18 6.27 6.34
N ASP D 122 42.24 5.51 6.10
CA ASP D 122 43.36 5.44 7.03
C ASP D 122 44.65 5.14 6.27
N PRO D 123 45.38 6.18 5.87
CA PRO D 123 46.63 6.08 5.09
C PRO D 123 47.66 5.14 5.72
N GLU D 124 47.66 5.08 7.04
CA GLU D 124 48.61 4.24 7.77
C GLU D 124 48.35 2.77 7.51
N ARG D 125 47.08 2.37 7.55
CA ARG D 125 46.74 0.95 7.41
C ARG D 125 46.64 0.51 5.96
N LYS D 126 46.67 1.46 5.03
CA LYS D 126 46.44 1.15 3.62
C LYS D 126 47.57 0.31 3.03
N VAL D 127 47.20 -0.78 2.35
CA VAL D 127 48.17 -1.73 1.83
C VAL D 127 48.09 -1.81 0.30
N VAL D 128 46.88 -1.77 -0.24
CA VAL D 128 46.70 -1.79 -1.68
C VAL D 128 46.75 -0.36 -2.22
N GLU D 129 47.90 0.01 -2.78
CA GLU D 129 48.09 1.35 -3.30
C GLU D 129 47.17 1.63 -4.48
N THR D 130 46.70 2.88 -4.56
CA THR D 130 45.85 3.33 -5.65
C THR D 130 46.42 2.97 -7.02
N GLU D 131 47.72 3.23 -7.21
CA GLU D 131 48.41 2.99 -8.48
C GLU D 131 48.28 1.55 -8.98
N ASP D 132 48.41 0.59 -8.08
CA ASP D 132 48.34 -0.82 -8.44
C ASP D 132 46.92 -1.29 -8.76
N ALA D 133 45.94 -0.88 -7.95
CA ALA D 133 44.56 -1.25 -8.20
C ALA D 133 44.07 -0.57 -9.47
N TYR D 134 44.47 0.68 -9.66
CA TYR D 134 44.18 1.40 -10.91
C TYR D 134 44.83 0.74 -12.12
N LYS D 135 46.05 0.26 -11.94
CA LYS D 135 46.75 -0.46 -12.99
C LYS D 135 45.93 -1.67 -13.42
N PHE D 136 45.44 -2.41 -12.43
CA PHE D 136 44.67 -3.61 -12.67
C PHE D 136 43.32 -3.31 -13.31
N ALA D 137 42.64 -2.28 -12.84
CA ALA D 137 41.35 -1.88 -13.42
C ALA D 137 41.50 -1.61 -14.92
N GLY D 138 42.57 -0.93 -15.28
CA GLY D 138 42.85 -0.60 -16.67
C GLY D 138 43.12 -1.84 -17.50
N GLN D 139 43.85 -2.79 -16.94
CA GLN D 139 44.12 -4.06 -17.63
C GLN D 139 42.84 -4.85 -17.89
N MET D 140 41.86 -4.70 -17.01
CA MET D 140 40.61 -5.44 -17.12
C MET D 140 39.55 -4.61 -17.84
N GLY D 141 39.87 -3.35 -18.13
CA GLY D 141 38.95 -2.47 -18.83
C GLY D 141 37.74 -2.10 -17.98
N ILE D 142 37.97 -1.97 -16.69
CA ILE D 142 36.90 -1.61 -15.76
C ILE D 142 37.30 -0.39 -14.94
N GLN D 143 36.33 0.21 -14.28
CA GLN D 143 36.57 1.41 -13.47
C GLN D 143 36.82 1.09 -12.00
N LEU D 144 37.71 1.87 -11.40
CA LEU D 144 38.05 1.76 -9.98
C LEU D 144 37.47 2.92 -9.16
N PHE D 145 36.79 2.58 -8.08
CA PHE D 145 36.34 3.55 -7.09
C PHE D 145 36.90 3.19 -5.73
N GLU D 146 37.74 4.05 -5.18
CA GLU D 146 38.15 3.88 -3.80
C GLU D 146 37.18 4.65 -2.92
N THR D 147 36.65 3.98 -1.89
CA THR D 147 35.53 4.52 -1.13
C THR D 147 35.78 4.41 0.36
N SER D 148 34.99 5.16 1.11
CA SER D 148 34.88 4.96 2.56
C SER D 148 33.40 4.90 2.90
N ALA D 149 32.92 3.70 3.20
CA ALA D 149 31.52 3.57 3.62
C ALA D 149 31.37 4.26 4.97
N LYS D 150 32.45 4.22 5.75
CA LYS D 150 32.46 4.81 7.10
C LYS D 150 32.28 6.34 7.09
N GLU D 151 33.00 7.01 6.20
CA GLU D 151 32.95 8.48 6.10
C GLU D 151 31.97 8.95 5.03
N ASN D 152 31.37 7.99 4.32
CA ASN D 152 30.48 8.26 3.20
C ASN D 152 31.19 9.09 2.13
N VAL D 153 32.35 8.60 1.72
CA VAL D 153 33.16 9.28 0.71
C VAL D 153 33.24 8.44 -0.55
N ASN D 154 32.82 9.02 -1.67
CA ASN D 154 32.87 8.40 -2.99
C ASN D 154 31.97 7.17 -3.13
N VAL D 155 31.04 7.01 -2.20
CA VAL D 155 30.07 5.91 -2.24
C VAL D 155 28.94 6.19 -3.22
N GLU D 156 28.39 7.40 -3.16
CA GLU D 156 27.36 7.79 -4.12
C GLU D 156 27.88 7.71 -5.55
N GLU D 157 29.13 8.10 -5.75
CA GLU D 157 29.71 8.12 -7.09
C GLU D 157 29.88 6.69 -7.60
N MET D 158 30.28 5.80 -6.70
CA MET D 158 30.45 4.38 -7.01
C MET D 158 29.11 3.77 -7.45
N PHE D 159 28.06 3.94 -6.66
CA PHE D 159 26.74 3.41 -7.04
C PHE D 159 26.16 4.06 -8.32
N ASN D 160 26.39 5.37 -8.48
CA ASN D 160 26.02 6.07 -9.70
C ASN D 160 26.57 5.38 -10.94
N CYS D 161 27.85 5.02 -10.89
CA CYS D 161 28.53 4.37 -12.01
C CYS D 161 27.94 3.00 -12.36
N ILE D 162 27.79 2.12 -11.38
CA ILE D 162 27.28 0.78 -11.71
C ILE D 162 25.85 0.89 -12.24
N THR D 163 25.09 1.85 -11.73
CA THR D 163 23.72 2.05 -12.20
C THR D 163 23.74 2.53 -13.65
N GLU D 164 24.67 3.44 -13.94
CA GLU D 164 24.82 3.97 -15.28
C GLU D 164 25.24 2.90 -16.28
N LEU D 165 26.10 1.98 -15.84
CA LEU D 165 26.55 0.90 -16.71
C LEU D 165 25.41 -0.02 -17.12
N VAL D 166 24.57 -0.44 -16.17
CA VAL D 166 23.50 -1.38 -16.50
C VAL D 166 22.40 -0.71 -17.31
N LEU D 167 22.16 0.57 -17.05
CA LEU D 167 21.25 1.34 -17.89
C LEU D 167 21.78 1.39 -19.32
N ARG D 168 23.05 1.74 -19.45
CA ARG D 168 23.66 1.86 -20.77
C ARG D 168 23.69 0.52 -21.49
N ALA D 169 23.91 -0.56 -20.73
CA ALA D 169 24.01 -1.88 -21.32
C ALA D 169 22.66 -2.30 -21.88
N LYS D 170 21.60 -2.01 -21.14
CA LYS D 170 20.26 -2.38 -21.56
C LYS D 170 19.84 -1.56 -22.78
N LYS D 171 20.12 -0.27 -22.70
CA LYS D 171 19.87 0.64 -23.82
C LYS D 171 20.59 0.17 -25.08
N ASP D 172 21.90 -0.05 -24.97
CA ASP D 172 22.73 -0.49 -26.09
C ASP D 172 22.26 -1.79 -26.72
N ASN D 173 22.12 -2.83 -25.89
CA ASN D 173 21.69 -4.12 -26.37
C ASN D 173 20.19 -4.14 -26.60
N LEU D 174 19.72 -3.14 -27.34
CA LEU D 174 18.31 -2.98 -27.66
C LEU D 174 18.24 -2.23 -28.98
N ALA D 175 19.38 -2.22 -29.68
CA ALA D 175 19.51 -1.58 -30.98
C ALA D 175 20.36 -2.44 -31.91
S SO4 E . -37.86 31.18 -3.60
O1 SO4 E . -38.22 30.50 -2.36
O2 SO4 E . -37.87 32.62 -3.36
O3 SO4 E . -36.53 30.73 -4.02
O4 SO4 E . -38.82 30.85 -4.65
S SO4 F . -15.71 15.41 15.07
O1 SO4 F . -15.70 16.66 15.83
O2 SO4 F . -16.14 14.35 15.97
O3 SO4 F . -14.36 15.13 14.56
O4 SO4 F . -16.64 15.53 13.94
C1 EDO G . -23.21 26.38 -6.66
O1 EDO G . -23.07 25.16 -7.42
C2 EDO G . -23.67 26.08 -5.24
O2 EDO G . -24.97 25.46 -5.25
C1 EDO H . -13.88 37.66 -6.06
O1 EDO H . -15.28 37.63 -5.75
C2 EDO H . -13.08 37.90 -4.78
O2 EDO H . -13.42 36.89 -3.83
C1 EDO I . -22.30 32.73 -8.37
O1 EDO I . -22.78 32.27 -9.63
C2 EDO I . -20.86 32.29 -8.14
O2 EDO I . -19.97 32.84 -9.12
S SO4 J . 7.63 -38.09 16.26
O1 SO4 J . 8.06 -36.70 16.46
O2 SO4 J . 6.41 -38.34 17.02
O3 SO4 J . 7.39 -38.31 14.84
O4 SO4 J . 8.67 -39.01 16.72
S SO4 K . 35.47 -24.30 11.45
O1 SO4 K . 34.99 -24.66 12.79
O2 SO4 K . 35.23 -22.88 11.23
O3 SO4 K . 36.91 -24.60 11.40
O4 SO4 K . 34.77 -25.07 10.43
S SO4 L . 20.39 -14.31 13.66
O1 SO4 L . 20.04 -13.77 14.97
O2 SO4 L . 19.17 -14.49 12.89
O3 SO4 L . 21.29 -13.38 12.98
O4 SO4 L . 21.06 -15.61 13.82
C1 EDO M . 24.69 -29.64 1.62
O1 EDO M . 25.06 -29.84 0.24
C2 EDO M . 24.43 -28.15 1.89
O2 EDO M . 25.65 -27.41 1.75
C1 EDO N . 3.68 -27.16 34.51
O1 EDO N . 2.85 -27.92 33.64
C2 EDO N . 3.25 -27.34 35.96
O2 EDO N . 3.60 -28.65 36.44
C1 EDO O . 12.43 -34.92 8.99
O1 EDO O . 12.66 -33.67 8.31
C2 EDO O . 13.54 -35.92 8.63
O2 EDO O . 14.81 -35.45 9.09
C1 EDO P . 37.26 -26.06 -11.91
O1 EDO P . 37.96 -26.16 -13.16
C2 EDO P . 38.19 -26.40 -10.75
O2 EDO P . 39.35 -25.55 -10.78
S SO4 Q . -44.46 1.93 -2.43
O1 SO4 Q . -43.52 3.05 -2.46
O2 SO4 Q . -45.54 2.24 -1.50
O3 SO4 Q . -43.76 0.72 -2.01
O4 SO4 Q . -45.03 1.74 -3.77
S SO4 R . -19.27 20.31 22.11
O1 SO4 R . -19.53 19.36 23.20
O2 SO4 R . -20.41 21.22 21.95
O3 SO4 R . -19.06 19.57 20.87
O4 SO4 R . -18.09 21.10 22.42
C1 EDO S . -25.29 29.32 15.28
O1 EDO S . -26.46 30.15 15.37
C2 EDO S . -25.13 28.52 16.56
O2 EDO S . -26.03 27.41 16.53
PB GDP T . -36.05 19.54 11.74
O1B GDP T . -36.07 20.59 10.64
O2B GDP T . -34.69 19.44 12.38
O3B GDP T . -36.36 18.21 11.10
O3A GDP T . -37.20 19.91 12.78
PA GDP T . -37.11 20.43 14.32
O1A GDP T . -36.59 21.86 14.39
O2A GDP T . -36.33 19.52 15.22
O5' GDP T . -38.68 20.38 14.63
C5' GDP T . -39.55 21.26 13.93
C4' GDP T . -40.71 21.61 14.83
O4' GDP T . -41.40 20.41 15.17
C3' GDP T . -40.21 22.22 16.13
O3' GDP T . -41.13 23.25 16.52
C2' GDP T . -40.28 21.09 17.14
O2' GDP T . -40.52 21.52 18.48
C1' GDP T . -41.42 20.25 16.59
N9 GDP T . -41.20 18.85 16.95
C8 GDP T . -40.06 18.14 16.87
N7 GDP T . -40.27 16.86 17.30
C5 GDP T . -41.57 16.77 17.67
C6 GDP T . -42.49 15.74 18.21
O6 GDP T . -42.08 14.59 18.45
N1 GDP T . -43.76 16.08 18.44
C2 GDP T . -44.26 17.29 18.18
N2 GDP T . -45.57 17.56 18.43
N3 GDP T . -43.49 18.30 17.71
C4 GDP T . -42.17 18.08 17.44
S SO4 U . 32.31 -3.53 -17.68
O1 SO4 U . 33.06 -4.02 -16.54
O2 SO4 U . 30.95 -3.19 -17.29
O3 SO4 U . 32.98 -2.32 -18.20
O4 SO4 U . 32.30 -4.55 -18.73
S SO4 V . 26.75 -8.34 8.50
O1 SO4 V . 27.46 -7.21 9.09
O2 SO4 V . 25.44 -7.88 8.02
O3 SO4 V . 27.52 -8.87 7.38
O4 SO4 V . 26.58 -9.38 9.51
PB GDP W . 30.67 -6.95 5.20
O1B GDP W . 29.23 -6.76 4.83
O2B GDP W . 30.90 -8.36 5.73
O3B GDP W . 31.52 -6.81 3.95
O3A GDP W . 31.22 -5.93 6.31
PA GDP W . 30.49 -4.76 7.13
O1A GDP W . 29.67 -5.33 8.26
O2A GDP W . 29.65 -3.80 6.30
O5' GDP W . 31.80 -4.06 7.68
C5' GDP W . 32.66 -4.84 8.52
C4' GDP W . 33.36 -3.90 9.48
O4' GDP W . 34.08 -2.94 8.71
C3' GDP W . 32.36 -3.13 10.32
O3' GDP W . 32.94 -2.95 11.61
C2' GDP W . 32.26 -1.78 9.64
O2' GDP W . 31.91 -0.71 10.53
C1' GDP W . 33.65 -1.63 9.07
N9 GDP W . 33.67 -0.78 7.87
C8 GDP W . 32.81 -0.83 6.82
N7 GDP W . 33.15 0.09 5.89
C5 GDP W . 34.24 0.74 6.34
C6 GDP W . 35.12 1.83 5.84
O6 GDP W . 34.89 2.37 4.75
N1 GDP W . 36.16 2.20 6.62
C2 GDP W . 36.42 1.61 7.81
N2 GDP W . 37.47 2.02 8.55
N3 GDP W . 35.65 0.61 8.33
C4 GDP W . 34.58 0.16 7.64
#